data_7URY
#
_entry.id   7URY
#
_cell.length_a   105.712
_cell.length_b   182.795
_cell.length_c   110.521
_cell.angle_alpha   90.000
_cell.angle_beta   90.000
_cell.angle_gamma   90.000
#
_symmetry.space_group_name_H-M   'C 2 2 21'
#
loop_
_entity.id
_entity.type
_entity.pdbx_description
1 polymer 'Calcium/calmodulin-dependent protein kinase type II subunit beta'
2 non-polymer D-MALATE
#
_entity_poly.entity_id   1
_entity_poly.type   'polypeptide(L)'
_entity_poly.pdbx_seq_one_letter_code
;GPHMRKQEIIKTTEQLIEAVNNGDFEAYAKICDPGLTSFEPEALGNLVEGMDFHRFYFENLLAKNSKPIHTTILNPHVHV
IGEDAACIAYIRLTQYIDGQGRPRTSQSEETRVWHRRDGKWQNVHFHCSGAPVAPLQ
;
_entity_poly.pdbx_strand_id   G,A,B,C,D,E,F
#
loop_
_chem_comp.id
_chem_comp.type
_chem_comp.name
_chem_comp.formula
MLT non-polymer D-MALATE 'C4 H6 O5'
#
# COMPACT_ATOMS: atom_id res chain seq x y z
N HIS A 3 33.87 -29.37 33.92
CA HIS A 3 34.41 -28.14 33.28
C HIS A 3 34.98 -28.46 31.88
N MET A 4 35.44 -29.70 31.64
CA MET A 4 35.90 -30.17 30.30
C MET A 4 34.72 -30.84 29.55
N ARG A 5 33.75 -31.38 30.29
CA ARG A 5 32.51 -31.97 29.70
C ARG A 5 31.65 -30.83 29.12
N LYS A 6 31.60 -29.68 29.79
CA LYS A 6 30.88 -28.46 29.33
C LYS A 6 31.41 -28.03 27.95
N GLN A 7 32.73 -28.04 27.77
CA GLN A 7 33.41 -27.55 26.54
C GLN A 7 33.11 -28.50 25.38
N GLU A 8 32.97 -29.80 25.64
CA GLU A 8 32.58 -30.82 24.63
C GLU A 8 31.21 -30.43 24.04
N ILE A 9 30.24 -30.12 24.91
CA ILE A 9 28.83 -29.82 24.54
C ILE A 9 28.79 -28.55 23.68
N ILE A 10 29.48 -27.48 24.11
CA ILE A 10 29.56 -26.19 23.37
C ILE A 10 30.13 -26.48 21.97
N LYS A 11 31.24 -27.21 21.90
CA LYS A 11 31.96 -27.51 20.63
C LYS A 11 31.02 -28.29 19.69
N THR A 12 30.35 -29.33 20.19
CA THR A 12 29.44 -30.18 19.39
C THR A 12 28.24 -29.36 18.90
N THR A 13 27.71 -28.48 19.74
CA THR A 13 26.61 -27.53 19.40
C THR A 13 27.09 -26.63 18.24
N GLU A 14 28.30 -26.06 18.35
CA GLU A 14 28.90 -25.19 17.29
C GLU A 14 29.02 -25.99 15.99
N GLN A 15 29.41 -27.26 16.05
CA GLN A 15 29.56 -28.14 14.86
C GLN A 15 28.20 -28.34 14.20
N LEU A 16 27.16 -28.65 15.00
CA LEU A 16 25.76 -28.84 14.56
C LEU A 16 25.30 -27.60 13.78
N ILE A 17 25.54 -26.41 14.33
CA ILE A 17 25.13 -25.11 13.73
C ILE A 17 25.91 -24.88 12.42
N GLU A 18 27.21 -25.19 12.40
CA GLU A 18 28.04 -25.07 11.18
C GLU A 18 27.45 -25.96 10.07
N ALA A 19 27.02 -27.18 10.42
CA ALA A 19 26.43 -28.16 9.47
C ALA A 19 25.17 -27.57 8.86
N VAL A 20 24.29 -26.98 9.68
CA VAL A 20 23.01 -26.36 9.24
C VAL A 20 23.34 -25.23 8.26
N ASN A 21 24.28 -24.33 8.63
CA ASN A 21 24.63 -23.12 7.86
C ASN A 21 25.26 -23.50 6.51
N ASN A 22 25.97 -24.65 6.44
CA ASN A 22 26.66 -25.13 5.23
C ASN A 22 25.72 -25.98 4.37
N GLY A 23 24.54 -26.32 4.87
CA GLY A 23 23.57 -27.20 4.17
C GLY A 23 24.09 -28.63 4.06
N ASP A 24 24.87 -29.07 5.05
CA ASP A 24 25.54 -30.39 5.09
C ASP A 24 24.69 -31.35 5.94
N PHE A 25 23.70 -31.99 5.32
CA PHE A 25 22.76 -32.93 5.99
C PHE A 25 23.53 -34.15 6.51
N GLU A 26 24.58 -34.56 5.79
CA GLU A 26 25.45 -35.71 6.15
C GLU A 26 26.01 -35.49 7.56
N ALA A 27 26.63 -34.32 7.79
CA ALA A 27 27.25 -33.92 9.08
C ALA A 27 26.17 -33.80 10.17
N TYR A 28 25.02 -33.21 9.83
CA TYR A 28 23.88 -32.95 10.73
C TYR A 28 23.34 -34.29 11.27
N ALA A 29 23.16 -35.28 10.39
CA ALA A 29 22.60 -36.62 10.71
C ALA A 29 23.50 -37.37 11.69
N LYS A 30 24.82 -37.20 11.59
CA LYS A 30 25.83 -37.88 12.45
C LYS A 30 25.65 -37.39 13.90
N ILE A 31 25.33 -36.11 14.09
CA ILE A 31 25.28 -35.42 15.42
C ILE A 31 23.90 -35.61 16.06
N CYS A 32 22.84 -35.79 15.26
CA CYS A 32 21.43 -35.92 15.74
C CYS A 32 21.06 -37.40 15.90
N ASP A 33 20.46 -37.75 17.03
CA ASP A 33 19.82 -39.07 17.24
C ASP A 33 18.70 -39.22 16.22
N PRO A 34 18.47 -40.43 15.65
CA PRO A 34 17.39 -40.62 14.68
C PRO A 34 15.98 -40.36 15.25
N GLY A 35 15.81 -40.47 16.57
CA GLY A 35 14.53 -40.21 17.28
C GLY A 35 14.46 -38.79 17.82
N LEU A 36 15.20 -37.85 17.21
CA LEU A 36 15.24 -36.41 17.57
C LEU A 36 13.83 -35.85 17.59
N THR A 37 13.38 -35.31 18.73
CA THR A 37 12.13 -34.52 18.85
C THR A 37 12.50 -33.04 18.80
N SER A 38 11.55 -32.20 18.37
CA SER A 38 11.81 -30.78 18.03
C SER A 38 10.56 -29.93 18.22
N PHE A 39 10.71 -28.81 18.95
CA PHE A 39 9.79 -27.65 18.96
C PHE A 39 10.51 -26.49 18.28
N GLU A 40 9.94 -25.93 17.21
CA GLU A 40 10.55 -24.82 16.43
C GLU A 40 9.47 -24.05 15.70
N PRO A 41 9.68 -22.76 15.38
CA PRO A 41 8.64 -21.92 14.77
C PRO A 41 7.98 -22.52 13.51
N GLU A 42 8.73 -23.19 12.66
CA GLU A 42 8.24 -23.67 11.35
C GLU A 42 7.40 -24.95 11.51
N ALA A 43 7.29 -25.49 12.73
CA ALA A 43 6.43 -26.65 13.07
C ALA A 43 5.10 -26.21 13.70
N LEU A 44 4.85 -24.90 13.78
CA LEU A 44 3.54 -24.28 14.15
C LEU A 44 3.03 -24.84 15.50
N GLY A 45 3.91 -25.00 16.49
CA GLY A 45 3.53 -25.38 17.85
C GLY A 45 3.36 -26.89 18.04
N ASN A 46 3.67 -27.69 17.03
CA ASN A 46 3.62 -29.18 17.10
C ASN A 46 5.00 -29.73 17.46
N LEU A 47 5.05 -30.86 18.16
CA LEU A 47 6.28 -31.66 18.37
C LEU A 47 6.48 -32.55 17.13
N VAL A 48 7.60 -32.41 16.44
CA VAL A 48 7.91 -33.21 15.22
C VAL A 48 9.01 -34.21 15.59
N GLU A 49 8.92 -35.43 15.03
CA GLU A 49 9.84 -36.56 15.30
C GLU A 49 10.74 -36.73 14.08
N GLY A 50 11.92 -37.31 14.27
CA GLY A 50 12.78 -37.74 13.15
C GLY A 50 13.43 -36.59 12.39
N MET A 51 14.14 -36.99 11.34
CA MET A 51 15.06 -36.17 10.52
C MET A 51 14.31 -35.67 9.28
N ASP A 52 13.15 -36.28 8.98
CA ASP A 52 12.42 -36.05 7.70
C ASP A 52 12.01 -34.58 7.59
N PHE A 53 11.57 -33.98 8.70
CA PHE A 53 11.07 -32.58 8.74
C PHE A 53 12.22 -31.61 8.41
N HIS A 54 13.41 -31.90 8.93
CA HIS A 54 14.65 -31.09 8.76
C HIS A 54 15.24 -31.31 7.37
N ARG A 55 15.22 -32.55 6.87
CA ARG A 55 15.74 -32.95 5.53
C ARG A 55 15.25 -31.95 4.48
N PHE A 56 13.97 -31.59 4.55
CA PHE A 56 13.28 -30.70 3.58
C PHE A 56 14.07 -29.41 3.38
N TYR A 57 14.58 -28.81 4.47
CA TYR A 57 15.27 -27.48 4.44
C TYR A 57 16.69 -27.63 3.86
N PHE A 58 17.27 -28.82 3.92
CA PHE A 58 18.60 -29.17 3.36
C PHE A 58 18.46 -29.47 1.85
N GLU A 59 17.51 -30.34 1.48
CA GLU A 59 17.31 -30.83 0.08
C GLU A 59 16.91 -29.68 -0.85
N ASN A 60 16.31 -28.59 -0.33
CA ASN A 60 15.81 -27.46 -1.16
C ASN A 60 16.64 -26.21 -0.87
N LEU A 61 17.90 -26.37 -0.46
CA LEU A 61 18.87 -25.26 -0.25
C LEU A 61 19.79 -25.17 -1.47
N LYS A 67 24.80 -16.88 0.64
CA LYS A 67 24.72 -15.51 1.24
C LYS A 67 25.48 -15.49 2.55
N PRO A 68 26.15 -14.36 2.91
CA PRO A 68 26.98 -14.31 4.11
C PRO A 68 26.14 -14.35 5.39
N ILE A 69 26.53 -15.20 6.35
CA ILE A 69 25.83 -15.40 7.65
C ILE A 69 26.91 -15.60 8.71
N HIS A 70 26.86 -14.84 9.80
CA HIS A 70 27.66 -15.07 11.04
C HIS A 70 26.73 -15.46 12.18
N THR A 71 26.99 -16.57 12.85
CA THR A 71 26.24 -17.07 14.02
C THR A 71 27.08 -16.82 15.28
N THR A 72 26.45 -16.31 16.34
CA THR A 72 27.09 -16.07 17.66
C THR A 72 26.26 -16.80 18.72
N ILE A 73 26.93 -17.61 19.55
CA ILE A 73 26.33 -18.30 20.71
C ILE A 73 26.65 -17.44 21.95
N LEU A 74 25.62 -16.90 22.60
CA LEU A 74 25.75 -15.99 23.78
C LEU A 74 25.30 -16.73 25.05
N ASN A 75 26.04 -16.52 26.15
CA ASN A 75 25.70 -16.99 27.53
C ASN A 75 25.27 -18.45 27.51
N PRO A 76 26.08 -19.37 26.92
CA PRO A 76 25.75 -20.79 26.94
C PRO A 76 25.81 -21.27 28.40
N HIS A 77 24.70 -21.85 28.88
CA HIS A 77 24.60 -22.54 30.18
C HIS A 77 24.52 -24.04 29.89
N VAL A 78 25.48 -24.83 30.40
CA VAL A 78 25.50 -26.31 30.26
C VAL A 78 25.18 -26.94 31.62
N HIS A 79 24.13 -27.77 31.69
CA HIS A 79 23.89 -28.71 32.81
C HIS A 79 24.45 -30.08 32.42
N VAL A 80 25.42 -30.58 33.18
CA VAL A 80 25.89 -31.99 33.09
C VAL A 80 25.06 -32.83 34.06
N ILE A 81 24.50 -33.94 33.59
CA ILE A 81 23.60 -34.84 34.36
C ILE A 81 24.17 -36.27 34.30
N GLY A 82 25.14 -36.56 35.18
CA GLY A 82 25.91 -37.80 35.15
C GLY A 82 26.87 -37.81 33.97
N GLU A 83 27.59 -38.92 33.81
CA GLU A 83 28.29 -39.28 32.55
C GLU A 83 27.22 -39.86 31.62
N ASP A 84 27.00 -39.17 30.49
CA ASP A 84 26.16 -39.68 29.36
C ASP A 84 25.04 -38.70 29.01
N ALA A 85 24.72 -37.71 29.86
CA ALA A 85 23.58 -36.78 29.65
C ALA A 85 24.03 -35.34 29.94
N ALA A 86 23.67 -34.41 29.05
CA ALA A 86 23.93 -32.96 29.17
C ALA A 86 22.80 -32.17 28.49
N CYS A 87 22.54 -30.98 29.02
CA CYS A 87 21.57 -29.99 28.50
C CYS A 87 22.31 -28.67 28.30
N ILE A 88 22.18 -28.04 27.13
CA ILE A 88 22.71 -26.67 26.88
C ILE A 88 21.54 -25.75 26.51
N ALA A 89 21.56 -24.53 27.07
CA ALA A 89 20.65 -23.42 26.74
C ALA A 89 21.50 -22.21 26.37
N TYR A 90 21.21 -21.58 25.23
CA TYR A 90 22.00 -20.44 24.70
C TYR A 90 21.09 -19.53 23.88
N ILE A 91 21.56 -18.31 23.66
CA ILE A 91 20.95 -17.35 22.71
C ILE A 91 21.75 -17.47 21.41
N ARG A 92 21.06 -17.66 20.29
CA ARG A 92 21.69 -17.69 18.95
C ARG A 92 21.39 -16.36 18.27
N LEU A 93 22.42 -15.52 18.11
CA LEU A 93 22.39 -14.28 17.31
C LEU A 93 22.86 -14.63 15.90
N THR A 94 22.06 -14.32 14.88
CA THR A 94 22.38 -14.57 13.46
C THR A 94 22.45 -13.22 12.75
N GLN A 95 23.64 -12.84 12.27
CA GLN A 95 23.86 -11.72 11.33
C GLN A 95 23.82 -12.28 9.91
N TYR A 96 23.02 -11.66 9.04
CA TYR A 96 22.92 -12.04 7.61
C TYR A 96 22.61 -10.79 6.77
N ILE A 97 22.78 -10.89 5.45
CA ILE A 97 22.35 -9.85 4.47
C ILE A 97 21.06 -10.36 3.80
N ASP A 98 19.98 -9.57 3.85
CA ASP A 98 18.66 -9.94 3.28
C ASP A 98 18.71 -9.76 1.76
N GLY A 99 17.60 -10.03 1.07
CA GLY A 99 17.46 -9.93 -0.39
C GLY A 99 17.81 -8.54 -0.91
N GLN A 100 17.33 -7.49 -0.24
CA GLN A 100 17.52 -6.07 -0.62
C GLN A 100 18.94 -5.60 -0.31
N GLY A 101 19.83 -6.48 0.17
CA GLY A 101 21.26 -6.20 0.42
C GLY A 101 21.51 -5.53 1.78
N ARG A 102 20.48 -5.40 2.63
CA ARG A 102 20.56 -4.77 3.97
C ARG A 102 21.09 -5.78 4.98
N PRO A 103 21.90 -5.36 5.98
CA PRO A 103 22.30 -6.24 7.07
C PRO A 103 21.20 -6.35 8.14
N ARG A 104 20.95 -7.56 8.64
CA ARG A 104 19.87 -7.84 9.61
C ARG A 104 20.42 -8.74 10.72
N THR A 105 19.86 -8.62 11.93
CA THR A 105 20.13 -9.54 13.06
C THR A 105 18.82 -10.18 13.49
N SER A 106 18.81 -11.49 13.65
CA SER A 106 17.69 -12.27 14.24
C SER A 106 18.20 -12.96 15.51
N GLN A 107 17.28 -13.18 16.46
CA GLN A 107 17.58 -13.86 17.75
C GLN A 107 16.67 -15.07 17.88
N SER A 108 17.23 -16.18 18.39
CA SER A 108 16.43 -17.34 18.85
C SER A 108 17.03 -17.85 20.16
N GLU A 109 16.18 -18.34 21.04
CA GLU A 109 16.56 -19.03 22.30
C GLU A 109 16.48 -20.52 22.00
N GLU A 110 17.54 -21.27 22.29
CA GLU A 110 17.63 -22.71 21.94
C GLU A 110 18.02 -23.52 23.18
N THR A 111 17.29 -24.60 23.40
CA THR A 111 17.60 -25.71 24.34
C THR A 111 17.95 -26.94 23.50
N ARG A 112 19.11 -27.55 23.76
CA ARG A 112 19.52 -28.84 23.14
C ARG A 112 19.85 -29.84 24.26
N VAL A 113 19.20 -31.00 24.24
CA VAL A 113 19.46 -32.13 25.17
C VAL A 113 20.34 -33.14 24.46
N TRP A 114 21.44 -33.55 25.11
CA TRP A 114 22.50 -34.43 24.54
C TRP A 114 22.56 -35.75 25.31
N HIS A 115 22.77 -36.84 24.57
CA HIS A 115 22.98 -38.21 25.10
C HIS A 115 24.23 -38.78 24.42
N ARG A 116 25.21 -39.26 25.19
CA ARG A 116 26.41 -39.93 24.66
C ARG A 116 26.06 -41.41 24.41
N ARG A 117 26.20 -41.85 23.16
CA ARG A 117 25.97 -43.25 22.73
C ARG A 117 27.17 -43.70 21.90
N ASP A 118 27.83 -44.79 22.33
CA ASP A 118 29.07 -45.36 21.74
C ASP A 118 30.07 -44.23 21.45
N GLY A 119 30.39 -43.42 22.48
CA GLY A 119 31.52 -42.47 22.47
C GLY A 119 31.18 -41.11 21.89
N LYS A 120 30.19 -41.02 20.99
CA LYS A 120 29.77 -39.75 20.33
C LYS A 120 28.60 -39.11 21.09
N TRP A 121 28.56 -37.79 21.16
CA TRP A 121 27.44 -36.98 21.72
C TRP A 121 26.33 -36.86 20.65
N GLN A 122 25.08 -37.13 21.02
CA GLN A 122 23.90 -37.13 20.13
C GLN A 122 22.83 -36.15 20.66
N ASN A 123 22.29 -35.32 19.78
CA ASN A 123 21.17 -34.38 20.08
C ASN A 123 19.85 -35.16 19.97
N VAL A 124 19.15 -35.34 21.10
CA VAL A 124 17.90 -36.15 21.17
C VAL A 124 16.66 -35.23 21.19
N HIS A 125 16.79 -34.02 21.71
CA HIS A 125 15.68 -33.03 21.77
C HIS A 125 16.20 -31.61 21.52
N PHE A 126 15.40 -30.82 20.80
CA PHE A 126 15.71 -29.43 20.40
C PHE A 126 14.44 -28.60 20.59
N HIS A 127 14.54 -27.51 21.38
CA HIS A 127 13.48 -26.47 21.52
C HIS A 127 14.05 -25.14 21.02
N CYS A 128 13.43 -24.55 20.00
CA CYS A 128 13.77 -23.21 19.44
C CYS A 128 12.55 -22.29 19.58
N SER A 129 12.73 -21.12 20.19
CA SER A 129 11.75 -20.01 20.19
C SER A 129 12.40 -18.75 19.59
N GLY A 130 11.59 -17.89 18.97
CA GLY A 130 12.05 -16.68 18.27
C GLY A 130 12.13 -16.91 16.77
N ALA A 131 13.21 -16.42 16.14
CA ALA A 131 13.41 -16.39 14.68
C ALA A 131 13.77 -17.79 14.17
N PRO A 132 13.16 -18.23 13.04
CA PRO A 132 13.67 -19.40 12.31
C PRO A 132 14.90 -18.99 11.49
N VAL A 133 16.05 -19.63 11.75
CA VAL A 133 17.41 -19.10 11.44
C VAL A 133 18.18 -20.06 10.52
N ALA A 134 17.51 -21.04 9.92
CA ALA A 134 18.12 -22.10 9.08
C ALA A 134 18.63 -21.48 7.76
N HIS B 3 -26.04 48.73 -13.44
CA HIS B 3 -26.23 47.46 -14.21
C HIS B 3 -25.01 47.19 -15.10
N MET B 4 -24.36 48.24 -15.61
CA MET B 4 -23.31 48.14 -16.67
C MET B 4 -21.92 48.10 -16.02
N ARG B 5 -21.77 48.68 -14.83
CA ARG B 5 -20.48 48.67 -14.06
C ARG B 5 -20.23 47.24 -13.57
N LYS B 6 -21.28 46.52 -13.15
CA LYS B 6 -21.21 45.10 -12.71
C LYS B 6 -20.63 44.23 -13.83
N GLN B 7 -21.08 44.44 -15.07
CA GLN B 7 -20.71 43.61 -16.25
C GLN B 7 -19.23 43.86 -16.60
N GLU B 8 -18.73 45.08 -16.39
CA GLU B 8 -17.29 45.41 -16.58
C GLU B 8 -16.44 44.52 -15.68
N ILE B 9 -16.80 44.42 -14.40
CA ILE B 9 -16.05 43.68 -13.34
C ILE B 9 -16.03 42.19 -13.69
N ILE B 10 -17.18 41.62 -14.03
CA ILE B 10 -17.32 40.19 -14.43
C ILE B 10 -16.39 39.93 -15.64
N LYS B 11 -16.47 40.79 -16.66
CA LYS B 11 -15.70 40.63 -17.92
C LYS B 11 -14.20 40.67 -17.61
N THR B 12 -13.75 41.64 -16.81
CA THR B 12 -12.32 41.83 -16.45
C THR B 12 -11.83 40.62 -15.63
N THR B 13 -12.66 40.12 -14.71
CA THR B 13 -12.39 38.89 -13.91
C THR B 13 -12.19 37.72 -14.86
N GLU B 14 -13.10 37.53 -15.83
CA GLU B 14 -13.02 36.45 -16.84
C GLU B 14 -11.72 36.56 -17.65
N GLN B 15 -11.31 37.78 -17.99
CA GLN B 15 -10.05 38.04 -18.75
C GLN B 15 -8.85 37.61 -17.91
N LEU B 16 -8.82 38.03 -16.63
CA LEU B 16 -7.76 37.67 -15.65
C LEU B 16 -7.60 36.15 -15.60
N ILE B 17 -8.71 35.42 -15.48
CA ILE B 17 -8.73 33.93 -15.36
C ILE B 17 -8.24 33.32 -16.68
N GLU B 18 -8.65 33.86 -17.82
CA GLU B 18 -8.19 33.39 -19.16
C GLU B 18 -6.66 33.52 -19.23
N ALA B 19 -6.11 34.64 -18.74
CA ALA B 19 -4.64 34.92 -18.75
C ALA B 19 -3.92 33.85 -17.93
N VAL B 20 -4.44 33.53 -16.73
CA VAL B 20 -3.86 32.49 -15.83
C VAL B 20 -3.85 31.15 -16.57
N ASN B 21 -4.99 30.76 -17.15
CA ASN B 21 -5.19 29.44 -17.82
C ASN B 21 -4.29 29.32 -19.06
N ASN B 22 -3.98 30.42 -19.73
CA ASN B 22 -3.15 30.46 -20.96
C ASN B 22 -1.66 30.57 -20.61
N GLY B 23 -1.32 30.81 -19.34
CA GLY B 23 0.06 31.02 -18.88
C GLY B 23 0.63 32.32 -19.40
N ASP B 24 -0.22 33.32 -19.61
CA ASP B 24 0.13 34.62 -20.23
C ASP B 24 0.36 35.65 -19.11
N PHE B 25 1.58 35.71 -18.58
CA PHE B 25 1.96 36.61 -17.46
C PHE B 25 1.86 38.07 -17.92
N GLU B 26 2.13 38.33 -19.19
CA GLU B 26 2.06 39.68 -19.82
C GLU B 26 0.65 40.26 -19.60
N ALA B 27 -0.38 39.49 -19.97
CA ALA B 27 -1.81 39.86 -19.87
C ALA B 27 -2.21 40.02 -18.40
N TYR B 28 -1.74 39.10 -17.54
CA TYR B 28 -2.03 39.04 -16.09
C TYR B 28 -1.53 40.32 -15.40
N ALA B 29 -0.29 40.73 -15.71
CA ALA B 29 0.39 41.91 -15.13
C ALA B 29 -0.36 43.21 -15.47
N LYS B 30 -0.96 43.30 -16.66
CA LYS B 30 -1.71 44.49 -17.13
C LYS B 30 -2.95 44.68 -16.25
N ILE B 31 -3.59 43.59 -15.81
CA ILE B 31 -4.89 43.60 -15.08
C ILE B 31 -4.66 43.74 -13.56
N CYS B 32 -3.50 43.31 -13.06
CA CYS B 32 -3.15 43.34 -11.60
C CYS B 32 -2.38 44.61 -11.26
N ASP B 33 -2.77 45.30 -10.19
CA ASP B 33 -1.96 46.39 -9.57
C ASP B 33 -0.64 45.79 -9.11
N PRO B 34 0.50 46.51 -9.24
CA PRO B 34 1.80 45.98 -8.81
C PRO B 34 1.88 45.71 -7.30
N GLY B 35 1.05 46.38 -6.49
CA GLY B 35 0.98 46.19 -5.03
C GLY B 35 -0.12 45.21 -4.63
N LEU B 36 -0.48 44.28 -5.53
CA LEU B 36 -1.49 43.21 -5.32
C LEU B 36 -1.15 42.43 -4.04
N THR B 37 -2.05 42.40 -3.08
CA THR B 37 -1.97 41.51 -1.90
C THR B 37 -2.84 40.28 -2.16
N SER B 38 -2.53 39.16 -1.53
CA SER B 38 -3.11 37.84 -1.87
C SER B 38 -3.12 36.90 -0.65
N PHE B 39 -4.28 36.31 -0.36
CA PHE B 39 -4.46 35.10 0.48
C PHE B 39 -4.85 33.94 -0.44
N GLU B 40 -4.09 32.85 -0.44
CA GLU B 40 -4.36 31.67 -1.31
C GLU B 40 -3.71 30.43 -0.69
N PRO B 41 -4.24 29.22 -0.98
CA PRO B 41 -3.75 27.99 -0.33
C PRO B 41 -2.22 27.77 -0.42
N GLU B 42 -1.61 28.11 -1.55
CA GLU B 42 -0.17 27.82 -1.81
C GLU B 42 0.74 28.81 -1.06
N ALA B 43 0.17 29.81 -0.38
CA ALA B 43 0.92 30.78 0.47
C ALA B 43 0.83 30.39 1.97
N LEU B 44 0.21 29.25 2.28
CA LEU B 44 0.24 28.60 3.62
C LEU B 44 -0.23 29.57 4.71
N GLY B 45 -1.28 30.33 4.46
CA GLY B 45 -1.91 31.20 5.48
C GLY B 45 -1.24 32.56 5.61
N ASN B 46 -0.24 32.87 4.79
CA ASN B 46 0.46 34.18 4.81
C ASN B 46 -0.13 35.13 3.76
N LEU B 47 -0.11 36.44 4.04
CA LEU B 47 -0.41 37.50 3.04
C LEU B 47 0.85 37.73 2.21
N VAL B 48 0.78 37.55 0.89
CA VAL B 48 1.93 37.77 -0.03
C VAL B 48 1.67 39.05 -0.82
N GLU B 49 2.74 39.80 -1.09
CA GLU B 49 2.73 41.11 -1.79
C GLU B 49 3.28 40.88 -3.19
N GLY B 50 2.91 41.73 -4.16
CA GLY B 50 3.56 41.77 -5.48
C GLY B 50 3.24 40.58 -6.37
N MET B 51 3.91 40.59 -7.52
CA MET B 51 3.68 39.71 -8.69
C MET B 51 4.65 38.53 -8.63
N ASP B 52 5.70 38.66 -7.81
CA ASP B 52 6.85 37.70 -7.80
C ASP B 52 6.36 36.30 -7.44
N PHE B 53 5.44 36.19 -6.49
CA PHE B 53 4.91 34.91 -5.97
C PHE B 53 4.14 34.18 -7.09
N HIS B 54 3.37 34.94 -7.88
CA HIS B 54 2.54 34.44 -8.99
C HIS B 54 3.41 34.11 -10.21
N ARG B 55 4.42 34.95 -10.50
CA ARG B 55 5.37 34.78 -11.63
C ARG B 55 5.84 33.31 -11.69
N PHE B 56 6.18 32.74 -10.53
CA PHE B 56 6.74 31.38 -10.39
C PHE B 56 5.85 30.36 -11.11
N TYR B 57 4.53 30.48 -11.00
CA TYR B 57 3.56 29.48 -11.54
C TYR B 57 3.41 29.65 -13.06
N PHE B 58 3.73 30.85 -13.59
CA PHE B 58 3.73 31.17 -15.03
C PHE B 58 5.04 30.68 -15.67
N GLU B 59 6.18 31.05 -15.09
CA GLU B 59 7.54 30.80 -15.65
C GLU B 59 7.83 29.29 -15.73
N ASN B 60 7.18 28.46 -14.91
CA ASN B 60 7.46 26.99 -14.83
C ASN B 60 6.25 26.21 -15.36
N LEU B 61 5.51 26.80 -16.30
CA LEU B 61 4.43 26.14 -17.08
C LEU B 61 4.96 25.82 -18.49
N LEU B 62 5.18 24.55 -18.80
CA LEU B 62 5.72 24.07 -20.09
C LEU B 62 4.61 23.44 -20.93
N LYS B 67 -2.81 20.68 -20.90
CA LYS B 67 -3.99 19.85 -20.58
C LYS B 67 -5.25 20.69 -20.79
N PRO B 68 -6.40 20.09 -21.22
CA PRO B 68 -7.66 20.81 -21.33
C PRO B 68 -8.21 21.20 -19.95
N ILE B 69 -8.63 22.46 -19.80
CA ILE B 69 -9.20 23.03 -18.55
C ILE B 69 -10.35 23.97 -18.96
N HIS B 70 -11.53 23.77 -18.37
CA HIS B 70 -12.70 24.69 -18.49
C HIS B 70 -12.99 25.30 -17.12
N THR B 71 -13.07 26.63 -17.05
CA THR B 71 -13.39 27.40 -15.83
C THR B 71 -14.83 27.92 -15.93
N THR B 72 -15.59 27.80 -14.85
CA THR B 72 -16.96 28.33 -14.72
C THR B 72 -17.01 29.26 -13.51
N ILE B 73 -17.51 30.48 -13.69
CA ILE B 73 -17.79 31.46 -12.62
C ILE B 73 -19.28 31.32 -12.25
N LEU B 74 -19.58 30.90 -11.03
CA LEU B 74 -20.96 30.69 -10.51
C LEU B 74 -21.33 31.80 -9.53
N ASN B 75 -22.57 32.26 -9.60
CA ASN B 75 -23.21 33.21 -8.64
C ASN B 75 -22.28 34.37 -8.34
N PRO B 76 -21.77 35.09 -9.36
CA PRO B 76 -20.95 36.26 -9.12
C PRO B 76 -21.81 37.33 -8.44
N HIS B 77 -21.39 37.82 -7.28
CA HIS B 77 -21.94 38.99 -6.57
C HIS B 77 -20.95 40.14 -6.71
N VAL B 78 -21.36 41.26 -7.30
CA VAL B 78 -20.53 42.49 -7.46
C VAL B 78 -21.07 43.57 -6.53
N HIS B 79 -20.24 44.08 -5.62
CA HIS B 79 -20.51 45.32 -4.84
C HIS B 79 -19.79 46.47 -5.54
N VAL B 80 -20.54 47.48 -5.99
CA VAL B 80 -19.98 48.75 -6.53
C VAL B 80 -19.87 49.73 -5.37
N ILE B 81 -18.70 50.35 -5.19
CA ILE B 81 -18.40 51.29 -4.07
C ILE B 81 -17.89 52.61 -4.67
N GLY B 82 -18.81 53.49 -5.09
CA GLY B 82 -18.47 54.70 -5.86
C GLY B 82 -18.00 54.34 -7.26
N GLU B 83 -17.34 55.28 -7.94
CA GLU B 83 -17.09 55.20 -9.41
C GLU B 83 -15.77 54.49 -9.73
N ASP B 84 -14.89 54.30 -8.74
CA ASP B 84 -13.49 53.84 -8.94
C ASP B 84 -13.20 52.53 -8.19
N ALA B 85 -14.17 52.00 -7.45
CA ALA B 85 -13.98 50.83 -6.56
C ALA B 85 -15.12 49.82 -6.73
N ALA B 86 -14.77 48.53 -6.85
CA ALA B 86 -15.71 47.40 -6.90
C ALA B 86 -15.09 46.16 -6.22
N CYS B 87 -15.96 45.32 -5.67
CA CYS B 87 -15.63 44.01 -5.07
C CYS B 87 -16.47 42.93 -5.76
N ILE B 88 -15.86 41.84 -6.20
CA ILE B 88 -16.59 40.65 -6.74
C ILE B 88 -16.25 39.42 -5.88
N ALA B 89 -17.28 38.63 -5.57
CA ALA B 89 -17.20 37.32 -4.90
C ALA B 89 -17.91 36.30 -5.78
N TYR B 90 -17.25 35.18 -6.06
CA TYR B 90 -17.77 34.12 -6.96
C TYR B 90 -17.20 32.77 -6.55
N ILE B 91 -17.85 31.71 -7.01
CA ILE B 91 -17.33 30.31 -6.94
C ILE B 91 -16.67 30.01 -8.28
N ARG B 92 -15.43 29.53 -8.25
CA ARG B 92 -14.69 29.12 -9.46
C ARG B 92 -14.69 27.59 -9.51
N LEU B 93 -15.44 27.02 -10.45
CA LEU B 93 -15.45 25.58 -10.78
C LEU B 93 -14.44 25.36 -11.90
N THR B 94 -13.49 24.46 -11.70
CA THR B 94 -12.45 24.11 -12.70
C THR B 94 -12.62 22.64 -13.07
N GLN B 95 -12.98 22.37 -14.32
CA GLN B 95 -12.95 21.03 -14.95
C GLN B 95 -11.60 20.86 -15.65
N TYR B 96 -10.89 19.77 -15.38
CA TYR B 96 -9.60 19.43 -16.02
C TYR B 96 -9.46 17.91 -16.13
N ILE B 97 -8.50 17.45 -16.95
CA ILE B 97 -8.08 16.02 -17.02
C ILE B 97 -6.76 15.88 -16.27
N ASP B 98 -6.70 14.98 -15.28
CA ASP B 98 -5.50 14.74 -14.43
C ASP B 98 -4.46 13.93 -15.23
N GLY B 99 -3.32 13.62 -14.60
CA GLY B 99 -2.21 12.85 -15.20
C GLY B 99 -2.67 11.51 -15.75
N GLN B 100 -3.48 10.77 -14.98
CA GLN B 100 -3.98 9.41 -15.32
C GLN B 100 -5.08 9.48 -16.39
N GLY B 101 -5.40 10.67 -16.93
CA GLY B 101 -6.36 10.86 -18.03
C GLY B 101 -7.81 10.95 -17.56
N ARG B 102 -8.05 10.94 -16.23
CA ARG B 102 -9.39 10.98 -15.60
C ARG B 102 -9.90 12.43 -15.57
N PRO B 103 -11.21 12.68 -15.74
CA PRO B 103 -11.78 14.01 -15.56
C PRO B 103 -12.02 14.33 -14.08
N ARG B 104 -11.68 15.55 -13.66
CA ARG B 104 -11.79 15.99 -12.24
C ARG B 104 -12.41 17.38 -12.20
N THR B 105 -13.12 17.69 -11.11
CA THR B 105 -13.63 19.05 -10.80
C THR B 105 -13.05 19.50 -9.47
N SER B 106 -12.51 20.71 -9.41
CA SER B 106 -12.11 21.37 -8.14
C SER B 106 -12.92 22.66 -7.99
N GLN B 107 -13.14 23.09 -6.75
CA GLN B 107 -13.89 24.31 -6.39
C GLN B 107 -12.98 25.23 -5.57
N SER B 108 -13.04 26.54 -5.82
CA SER B 108 -12.47 27.57 -4.93
C SER B 108 -13.46 28.72 -4.83
N GLU B 109 -13.49 29.36 -3.67
CA GLU B 109 -14.25 30.60 -3.40
C GLU B 109 -13.26 31.75 -3.53
N GLU B 110 -13.57 32.77 -4.34
CA GLU B 110 -12.64 33.87 -4.65
C GLU B 110 -13.33 35.23 -4.41
N THR B 111 -12.62 36.11 -3.69
CA THR B 111 -12.91 37.54 -3.54
C THR B 111 -11.84 38.31 -4.31
N ARG B 112 -12.23 39.23 -5.20
CA ARG B 112 -11.31 40.16 -5.91
C ARG B 112 -11.79 41.59 -5.71
N VAL B 113 -10.90 42.45 -5.19
CA VAL B 113 -11.15 43.90 -5.01
C VAL B 113 -10.50 44.65 -6.18
N TRP B 114 -11.28 45.52 -6.82
CA TRP B 114 -10.90 46.25 -8.06
C TRP B 114 -10.84 47.75 -7.79
N HIS B 115 -9.84 48.40 -8.37
CA HIS B 115 -9.62 49.88 -8.34
C HIS B 115 -9.38 50.33 -9.77
N ARG B 116 -10.13 51.35 -10.23
CA ARG B 116 -9.92 51.95 -11.58
C ARG B 116 -8.77 52.97 -11.51
N ARG B 117 -7.70 52.73 -12.27
CA ARG B 117 -6.32 53.28 -12.08
C ARG B 117 -5.66 53.33 -13.46
N ASP B 118 -5.21 54.51 -13.90
CA ASP B 118 -4.67 54.80 -15.27
C ASP B 118 -5.62 54.20 -16.32
N GLY B 119 -6.92 54.52 -16.24
CA GLY B 119 -7.93 54.23 -17.28
C GLY B 119 -8.55 52.84 -17.19
N LYS B 120 -7.83 51.85 -16.67
CA LYS B 120 -8.20 50.41 -16.64
C LYS B 120 -8.79 50.05 -15.27
N TRP B 121 -9.49 48.91 -15.13
CA TRP B 121 -9.77 48.23 -13.84
C TRP B 121 -8.54 47.41 -13.41
N GLN B 122 -8.13 47.54 -12.15
CA GLN B 122 -6.92 46.89 -11.58
C GLN B 122 -7.31 46.06 -10.35
N ASN B 123 -6.83 44.82 -10.28
CA ASN B 123 -7.01 43.90 -9.13
C ASN B 123 -5.95 44.23 -8.06
N VAL B 124 -6.37 44.76 -6.91
CA VAL B 124 -5.46 45.22 -5.82
C VAL B 124 -5.38 44.17 -4.69
N HIS B 125 -6.43 43.37 -4.50
CA HIS B 125 -6.48 42.31 -3.46
C HIS B 125 -7.24 41.10 -3.96
N PHE B 126 -6.75 39.91 -3.59
CA PHE B 126 -7.28 38.59 -4.00
C PHE B 126 -7.29 37.67 -2.76
N HIS B 127 -8.45 37.10 -2.43
CA HIS B 127 -8.60 36.05 -1.39
C HIS B 127 -9.15 34.79 -2.07
N CYS B 128 -8.42 33.68 -2.02
CA CYS B 128 -8.82 32.35 -2.53
C CYS B 128 -8.83 31.35 -1.37
N SER B 129 -9.95 30.64 -1.19
CA SER B 129 -10.06 29.45 -0.30
C SER B 129 -10.53 28.24 -1.13
N GLY B 130 -10.15 27.04 -0.70
CA GLY B 130 -10.44 25.78 -1.41
C GLY B 130 -9.26 25.31 -2.23
N ALA B 131 -9.50 24.84 -3.44
CA ALA B 131 -8.51 24.21 -4.34
C ALA B 131 -7.59 25.27 -4.95
N PRO B 132 -6.27 25.02 -5.00
CA PRO B 132 -5.36 25.80 -5.84
C PRO B 132 -5.53 25.39 -7.32
N VAL B 133 -5.87 26.34 -8.18
CA VAL B 133 -6.55 26.10 -9.49
C VAL B 133 -5.71 26.69 -10.65
N ALA B 134 -4.46 27.07 -10.41
CA ALA B 134 -3.49 27.41 -11.48
C ALA B 134 -3.18 26.15 -12.28
N PRO B 135 -2.97 26.23 -13.62
CA PRO B 135 -2.67 25.07 -14.45
C PRO B 135 -1.53 24.16 -13.94
N LEU B 136 -0.51 24.73 -13.29
CA LEU B 136 0.64 23.98 -12.70
C LEU B 136 0.16 23.16 -11.49
N GLN B 137 -0.95 23.56 -10.85
CA GLN B 137 -1.82 22.77 -9.92
C GLN B 137 -1.26 22.88 -8.49
N HIS C 3 -42.67 -37.28 -8.92
CA HIS C 3 -41.24 -37.66 -8.76
C HIS C 3 -40.46 -37.43 -10.07
N MET C 4 -41.14 -37.46 -11.23
CA MET C 4 -40.51 -37.32 -12.57
C MET C 4 -40.57 -35.86 -13.03
N ARG C 5 -41.55 -35.08 -12.54
CA ARG C 5 -41.66 -33.63 -12.82
C ARG C 5 -40.50 -32.89 -12.13
N LYS C 6 -40.14 -33.30 -10.92
CA LYS C 6 -38.99 -32.75 -10.14
C LYS C 6 -37.70 -32.89 -10.95
N GLN C 7 -37.49 -34.04 -11.59
CA GLN C 7 -36.23 -34.38 -12.33
C GLN C 7 -36.15 -33.52 -13.60
N GLU C 8 -37.29 -33.19 -14.22
CA GLU C 8 -37.35 -32.27 -15.39
C GLU C 8 -36.76 -30.91 -14.99
N ILE C 9 -37.19 -30.37 -13.86
CA ILE C 9 -36.82 -29.02 -13.35
C ILE C 9 -35.30 -28.99 -13.07
N ILE C 10 -34.79 -30.00 -12.35
CA ILE C 10 -33.34 -30.13 -12.03
C ILE C 10 -32.54 -30.16 -13.36
N LYS C 11 -32.97 -30.98 -14.32
CA LYS C 11 -32.27 -31.17 -15.61
C LYS C 11 -32.24 -29.83 -16.37
N THR C 12 -33.38 -29.13 -16.46
CA THR C 12 -33.51 -27.84 -17.18
C THR C 12 -32.64 -26.77 -16.50
N THR C 13 -32.62 -26.76 -15.16
CA THR C 13 -31.75 -25.86 -14.35
C THR C 13 -30.27 -26.13 -14.70
N GLU C 14 -29.87 -27.41 -14.73
CA GLU C 14 -28.48 -27.82 -15.09
C GLU C 14 -28.14 -27.33 -16.50
N GLN C 15 -29.10 -27.42 -17.44
CA GLN C 15 -28.89 -26.97 -18.85
C GLN C 15 -28.67 -25.46 -18.87
N LEU C 16 -29.52 -24.71 -18.17
CA LEU C 16 -29.43 -23.22 -18.04
C LEU C 16 -28.03 -22.84 -17.56
N ILE C 17 -27.54 -23.51 -16.51
CA ILE C 17 -26.21 -23.22 -15.89
C ILE C 17 -25.09 -23.59 -16.87
N GLU C 18 -25.23 -24.69 -17.60
CA GLU C 18 -24.23 -25.10 -18.64
C GLU C 18 -24.14 -24.00 -19.69
N ALA C 19 -25.28 -23.43 -20.11
CA ALA C 19 -25.35 -22.35 -21.13
C ALA C 19 -24.58 -21.14 -20.63
N VAL C 20 -24.79 -20.74 -19.38
CA VAL C 20 -24.11 -19.57 -18.74
C VAL C 20 -22.60 -19.83 -18.76
N ASN C 21 -22.17 -21.01 -18.30
CA ASN C 21 -20.73 -21.37 -18.14
C ASN C 21 -20.03 -21.44 -19.51
N ASN C 22 -20.76 -21.79 -20.57
CA ASN C 22 -20.22 -21.92 -21.95
C ASN C 22 -20.28 -20.59 -22.70
N GLY C 23 -20.95 -19.57 -22.13
CA GLY C 23 -21.13 -18.26 -22.77
C GLY C 23 -22.05 -18.33 -23.97
N ASP C 24 -23.01 -19.27 -23.94
CA ASP C 24 -23.93 -19.58 -25.06
C ASP C 24 -25.26 -18.86 -24.81
N PHE C 25 -25.36 -17.60 -25.24
CA PHE C 25 -26.56 -16.74 -25.05
C PHE C 25 -27.74 -17.32 -25.83
N GLU C 26 -27.47 -17.96 -26.97
CA GLU C 26 -28.49 -18.60 -27.85
C GLU C 26 -29.27 -19.63 -27.02
N ALA C 27 -28.56 -20.53 -26.34
CA ALA C 27 -29.13 -21.62 -25.50
C ALA C 27 -29.86 -21.02 -24.29
N TYR C 28 -29.27 -19.99 -23.68
CA TYR C 28 -29.79 -19.29 -22.48
C TYR C 28 -31.17 -18.67 -22.78
N ALA C 29 -31.28 -17.98 -23.93
CA ALA C 29 -32.50 -17.26 -24.39
C ALA C 29 -33.66 -18.24 -24.61
N LYS C 30 -33.36 -19.46 -25.09
CA LYS C 30 -34.39 -20.51 -25.37
C LYS C 30 -35.05 -20.94 -24.04
N ILE C 31 -34.28 -20.99 -22.94
CA ILE C 31 -34.72 -21.54 -21.62
C ILE C 31 -35.39 -20.43 -20.78
N CYS C 32 -35.03 -19.16 -21.01
CA CYS C 32 -35.55 -17.99 -20.26
C CYS C 32 -36.76 -17.39 -20.98
N ASP C 33 -37.83 -17.11 -20.25
CA ASP C 33 -38.96 -16.28 -20.73
C ASP C 33 -38.43 -14.89 -21.06
N PRO C 34 -38.92 -14.22 -22.12
CA PRO C 34 -38.44 -12.87 -22.46
C PRO C 34 -38.73 -11.82 -21.39
N GLY C 35 -39.74 -12.05 -20.54
CA GLY C 35 -40.11 -11.15 -19.42
C GLY C 35 -39.46 -11.57 -18.10
N LEU C 36 -38.33 -12.29 -18.17
CA LEU C 36 -37.53 -12.77 -17.01
C LEU C 36 -37.23 -11.59 -16.07
N THR C 37 -37.67 -11.67 -14.82
CA THR C 37 -37.27 -10.73 -13.75
C THR C 37 -36.14 -11.38 -12.94
N SER C 38 -35.31 -10.56 -12.29
CA SER C 38 -34.04 -11.02 -11.68
C SER C 38 -33.65 -10.11 -10.50
N PHE C 39 -33.36 -10.73 -9.36
CA PHE C 39 -32.59 -10.13 -8.23
C PHE C 39 -31.22 -10.84 -8.19
N GLU C 40 -30.13 -10.08 -8.27
CA GLU C 40 -28.75 -10.64 -8.29
C GLU C 40 -27.77 -9.55 -7.85
N PRO C 41 -26.61 -9.94 -7.27
CA PRO C 41 -25.66 -8.96 -6.72
C PRO C 41 -25.27 -7.81 -7.66
N GLU C 42 -25.09 -8.09 -8.95
CA GLU C 42 -24.56 -7.10 -9.93
C GLU C 42 -25.64 -6.10 -10.34
N ALA C 43 -26.89 -6.27 -9.87
CA ALA C 43 -28.01 -5.33 -10.11
C ALA C 43 -28.22 -4.40 -8.90
N LEU C 44 -27.36 -4.49 -7.88
CA LEU C 44 -27.27 -3.52 -6.75
C LEU C 44 -28.63 -3.34 -6.05
N GLY C 45 -29.36 -4.43 -5.84
CA GLY C 45 -30.62 -4.42 -5.06
C GLY C 45 -31.84 -4.02 -5.87
N ASN C 46 -31.70 -3.82 -7.19
CA ASN C 46 -32.83 -3.48 -8.09
C ASN C 46 -33.35 -4.75 -8.75
N LEU C 47 -34.65 -4.79 -9.07
CA LEU C 47 -35.27 -5.81 -9.94
C LEU C 47 -35.03 -5.40 -11.40
N VAL C 48 -34.38 -6.26 -12.18
CA VAL C 48 -34.09 -6.01 -13.63
C VAL C 48 -35.00 -6.91 -14.46
N GLU C 49 -35.46 -6.42 -15.63
CA GLU C 49 -36.57 -7.03 -16.41
C GLU C 49 -36.07 -7.79 -17.63
N GLY C 50 -35.13 -7.25 -18.40
CA GLY C 50 -34.83 -7.79 -19.74
C GLY C 50 -34.03 -9.08 -19.74
N MET C 51 -33.66 -9.51 -20.95
CA MET C 51 -32.46 -10.32 -21.30
C MET C 51 -31.28 -9.37 -21.53
N ASP C 52 -31.55 -8.09 -21.74
CA ASP C 52 -30.53 -7.06 -22.08
C ASP C 52 -29.45 -7.00 -21.00
N PHE C 53 -29.84 -7.08 -19.72
CA PHE C 53 -28.91 -6.96 -18.57
C PHE C 53 -27.94 -8.15 -18.56
N HIS C 54 -28.44 -9.34 -18.88
CA HIS C 54 -27.67 -10.61 -18.91
C HIS C 54 -26.80 -10.67 -20.18
N ARG C 55 -27.33 -10.20 -21.32
CA ARG C 55 -26.62 -10.19 -22.63
C ARG C 55 -25.21 -9.64 -22.45
N PHE C 56 -25.08 -8.56 -21.67
CA PHE C 56 -23.81 -7.84 -21.42
C PHE C 56 -22.71 -8.81 -20.98
N TYR C 57 -23.03 -9.76 -20.10
CA TYR C 57 -22.04 -10.70 -19.48
C TYR C 57 -21.66 -11.79 -20.48
N PHE C 58 -22.51 -12.07 -21.47
CA PHE C 58 -22.26 -13.04 -22.57
C PHE C 58 -21.41 -12.38 -23.67
N GLU C 59 -21.81 -11.19 -24.12
CA GLU C 59 -21.19 -10.48 -25.28
C GLU C 59 -19.76 -10.06 -24.95
N ASN C 60 -19.39 -9.91 -23.68
CA ASN C 60 -18.04 -9.44 -23.25
C ASN C 60 -17.32 -10.60 -22.52
N LYS C 67 -11.34 -20.89 -19.43
CA LYS C 67 -10.81 -21.37 -18.14
C LYS C 67 -11.71 -22.49 -17.61
N PRO C 68 -11.16 -23.51 -16.90
CA PRO C 68 -11.96 -24.60 -16.35
C PRO C 68 -12.86 -24.11 -15.21
N ILE C 69 -14.13 -24.49 -15.24
CA ILE C 69 -15.15 -24.16 -14.19
C ILE C 69 -16.04 -25.38 -14.00
N HIS C 70 -16.17 -25.87 -12.76
CA HIS C 70 -17.08 -26.98 -12.38
C HIS C 70 -18.14 -26.43 -11.44
N THR C 71 -19.41 -26.68 -11.77
CA THR C 71 -20.59 -26.26 -10.97
C THR C 71 -21.17 -27.49 -10.26
N THR C 72 -21.51 -27.34 -8.99
CA THR C 72 -22.23 -28.36 -8.19
C THR C 72 -23.53 -27.74 -7.68
N ILE C 73 -24.64 -28.42 -7.93
CA ILE C 73 -25.98 -28.10 -7.38
C ILE C 73 -26.18 -28.96 -6.13
N LEU C 74 -26.28 -28.33 -4.95
CA LEU C 74 -26.44 -29.01 -3.64
C LEU C 74 -27.87 -28.81 -3.13
N ASN C 75 -28.44 -29.87 -2.52
CA ASN C 75 -29.73 -29.85 -1.79
C ASN C 75 -30.80 -29.15 -2.61
N PRO C 76 -31.03 -29.54 -3.89
CA PRO C 76 -32.10 -28.95 -4.67
C PRO C 76 -33.45 -29.34 -4.04
N HIS C 77 -34.26 -28.35 -3.71
CA HIS C 77 -35.68 -28.50 -3.30
C HIS C 77 -36.56 -28.02 -4.44
N VAL C 78 -37.42 -28.87 -4.99
CA VAL C 78 -38.40 -28.52 -6.06
C VAL C 78 -39.81 -28.51 -5.45
N HIS C 79 -40.51 -27.39 -5.55
CA HIS C 79 -41.97 -27.28 -5.29
C HIS C 79 -42.69 -27.35 -6.64
N VAL C 80 -43.54 -28.36 -6.83
CA VAL C 80 -44.46 -28.46 -8.00
C VAL C 80 -45.78 -27.79 -7.63
N ILE C 81 -46.27 -26.88 -8.47
CA ILE C 81 -47.50 -26.08 -8.23
C ILE C 81 -48.44 -26.27 -9.43
N GLY C 82 -49.20 -27.38 -9.45
CA GLY C 82 -49.99 -27.79 -10.62
C GLY C 82 -49.10 -28.25 -11.75
N GLU C 83 -49.64 -28.32 -12.98
CA GLU C 83 -49.01 -29.05 -14.11
C GLU C 83 -48.07 -28.14 -14.91
N ASP C 84 -48.15 -26.81 -14.74
CA ASP C 84 -47.47 -25.81 -15.60
C ASP C 84 -46.49 -24.92 -14.79
N ALA C 85 -46.38 -25.11 -13.48
CA ALA C 85 -45.63 -24.22 -12.58
C ALA C 85 -44.77 -25.03 -11.60
N ALA C 86 -43.51 -24.65 -11.45
CA ALA C 86 -42.55 -25.24 -10.50
C ALA C 86 -41.58 -24.17 -9.99
N CYS C 87 -41.10 -24.35 -8.77
CA CYS C 87 -40.08 -23.52 -8.10
C CYS C 87 -38.94 -24.44 -7.66
N ILE C 88 -37.69 -24.09 -7.96
CA ILE C 88 -36.50 -24.80 -7.43
C ILE C 88 -35.64 -23.82 -6.61
N ALA C 89 -35.13 -24.28 -5.48
CA ALA C 89 -34.16 -23.60 -4.61
C ALA C 89 -32.97 -24.54 -4.40
N TYR C 90 -31.76 -24.05 -4.62
CA TYR C 90 -30.51 -24.86 -4.53
C TYR C 90 -29.35 -23.96 -4.14
N ILE C 91 -28.27 -24.58 -3.67
CA ILE C 91 -26.95 -23.94 -3.46
C ILE C 91 -26.11 -24.25 -4.70
N ARG C 92 -25.52 -23.22 -5.31
CA ARG C 92 -24.58 -23.37 -6.45
C ARG C 92 -23.16 -23.18 -5.90
N LEU C 93 -22.39 -24.25 -5.83
CA LEU C 93 -20.92 -24.24 -5.58
C LEU C 93 -20.21 -24.18 -6.94
N THR C 94 -19.35 -23.20 -7.13
CA THR C 94 -18.59 -22.98 -8.39
C THR C 94 -17.10 -23.09 -8.06
N GLN C 95 -16.44 -24.11 -8.58
CA GLN C 95 -14.96 -24.23 -8.61
C GLN C 95 -14.46 -23.66 -9.93
N TYR C 96 -13.50 -22.74 -9.90
CA TYR C 96 -12.85 -22.16 -11.11
C TYR C 96 -11.39 -21.84 -10.79
N ILE C 97 -10.60 -21.59 -11.84
CA ILE C 97 -9.21 -21.07 -11.75
C ILE C 97 -9.25 -19.58 -12.10
N ASP C 98 -8.74 -18.73 -11.21
CA ASP C 98 -8.73 -17.25 -11.38
C ASP C 98 -7.60 -16.88 -12.36
N GLY C 99 -7.44 -15.57 -12.63
CA GLY C 99 -6.42 -15.02 -13.55
C GLY C 99 -5.01 -15.46 -13.18
N GLN C 100 -4.67 -15.40 -11.89
CA GLN C 100 -3.33 -15.72 -11.34
C GLN C 100 -3.09 -17.25 -11.33
N GLY C 101 -4.03 -18.06 -11.84
CA GLY C 101 -3.88 -19.53 -11.97
C GLY C 101 -4.24 -20.29 -10.70
N ARG C 102 -4.74 -19.59 -9.67
CA ARG C 102 -5.12 -20.19 -8.35
C ARG C 102 -6.52 -20.80 -8.45
N PRO C 103 -6.79 -21.93 -7.76
CA PRO C 103 -8.15 -22.49 -7.69
C PRO C 103 -8.97 -21.77 -6.60
N ARG C 104 -10.23 -21.47 -6.91
CA ARG C 104 -11.14 -20.70 -6.03
C ARG C 104 -12.51 -21.38 -6.00
N THR C 105 -13.25 -21.26 -4.90
CA THR C 105 -14.66 -21.70 -4.76
C THR C 105 -15.50 -20.49 -4.38
N SER C 106 -16.62 -20.27 -5.06
CA SER C 106 -17.66 -19.30 -4.65
C SER C 106 -18.98 -20.05 -4.40
N GLN C 107 -19.83 -19.49 -3.54
CA GLN C 107 -21.18 -20.03 -3.24
C GLN C 107 -22.22 -18.97 -3.56
N SER C 108 -23.35 -19.39 -4.14
CA SER C 108 -24.57 -18.54 -4.26
C SER C 108 -25.79 -19.41 -3.95
N GLU C 109 -26.80 -18.80 -3.35
CA GLU C 109 -28.13 -19.40 -3.10
C GLU C 109 -29.04 -18.90 -4.22
N GLU C 110 -29.73 -19.80 -4.91
CA GLU C 110 -30.54 -19.44 -6.12
C GLU C 110 -31.95 -20.01 -5.98
N THR C 111 -32.94 -19.16 -6.26
CA THR C 111 -34.35 -19.52 -6.50
C THR C 111 -34.64 -19.30 -7.97
N ARG C 112 -35.20 -20.30 -8.66
CA ARG C 112 -35.68 -20.18 -10.06
C ARG C 112 -37.15 -20.62 -10.12
N VAL C 113 -38.01 -19.75 -10.64
CA VAL C 113 -39.45 -20.04 -10.87
C VAL C 113 -39.64 -20.40 -12.34
N TRP C 114 -40.31 -21.53 -12.59
CA TRP C 114 -40.49 -22.13 -13.95
C TRP C 114 -41.95 -22.13 -14.34
N HIS C 115 -42.23 -21.85 -15.60
CA HIS C 115 -43.58 -21.90 -16.24
C HIS C 115 -43.43 -22.71 -17.54
N ARG C 116 -44.26 -23.74 -17.72
CA ARG C 116 -44.31 -24.54 -18.98
C ARG C 116 -45.18 -23.79 -20.00
N ARG C 117 -44.59 -23.41 -21.14
CA ARG C 117 -45.20 -22.59 -22.21
C ARG C 117 -44.83 -23.23 -23.55
N ASP C 118 -45.84 -23.61 -24.35
CA ASP C 118 -45.71 -24.38 -25.62
C ASP C 118 -44.74 -25.55 -25.42
N GLY C 119 -44.98 -26.39 -24.40
CA GLY C 119 -44.33 -27.70 -24.22
C GLY C 119 -43.00 -27.63 -23.48
N LYS C 120 -42.28 -26.50 -23.54
CA LYS C 120 -40.94 -26.32 -22.93
C LYS C 120 -41.09 -25.66 -21.55
N TRP C 121 -40.16 -25.91 -20.63
CA TRP C 121 -40.05 -25.21 -19.32
C TRP C 121 -39.29 -23.89 -19.52
N GLN C 122 -39.84 -22.80 -18.97
CA GLN C 122 -39.30 -21.42 -19.12
C GLN C 122 -39.03 -20.82 -17.74
N ASN C 123 -37.86 -20.21 -17.57
CA ASN C 123 -37.46 -19.47 -16.33
C ASN C 123 -38.03 -18.06 -16.40
N VAL C 124 -38.98 -17.73 -15.52
CA VAL C 124 -39.70 -16.41 -15.52
C VAL C 124 -39.11 -15.49 -14.43
N HIS C 125 -38.58 -16.05 -13.35
CA HIS C 125 -37.98 -15.27 -12.23
C HIS C 125 -36.76 -16.00 -11.67
N PHE C 126 -35.74 -15.21 -11.31
CA PHE C 126 -34.44 -15.67 -10.77
C PHE C 126 -34.06 -14.76 -9.60
N HIS C 127 -33.79 -15.35 -8.43
CA HIS C 127 -33.24 -14.65 -7.25
C HIS C 127 -31.90 -15.30 -6.90
N CYS C 128 -30.81 -14.51 -6.93
CA CYS C 128 -29.43 -14.95 -6.57
C CYS C 128 -28.93 -14.10 -5.41
N SER C 129 -28.47 -14.73 -4.33
CA SER C 129 -27.71 -14.09 -3.23
C SER C 129 -26.35 -14.77 -3.08
N GLY C 130 -25.36 -14.04 -2.59
CA GLY C 130 -23.96 -14.50 -2.43
C GLY C 130 -23.10 -14.02 -3.58
N ALA C 131 -22.25 -14.91 -4.12
CA ALA C 131 -21.24 -14.60 -5.15
C ALA C 131 -21.90 -14.42 -6.51
N PRO C 132 -21.50 -13.38 -7.29
CA PRO C 132 -21.85 -13.30 -8.70
C PRO C 132 -20.95 -14.26 -9.50
N VAL C 133 -21.57 -15.18 -10.25
CA VAL C 133 -20.88 -16.07 -11.24
C VAL C 133 -21.36 -15.70 -12.65
N HIS D 3 -52.32 7.65 -21.89
CA HIS D 3 -50.93 7.35 -21.38
C HIS D 3 -49.94 7.32 -22.55
N MET D 4 -50.18 8.16 -23.57
CA MET D 4 -49.32 8.30 -24.78
C MET D 4 -48.32 9.44 -24.58
N ARG D 5 -48.65 10.43 -23.74
CA ARG D 5 -47.74 11.55 -23.39
C ARG D 5 -46.59 11.01 -22.53
N LYS D 6 -46.86 10.05 -21.64
CA LYS D 6 -45.85 9.37 -20.79
C LYS D 6 -44.80 8.70 -21.67
N GLN D 7 -45.21 8.03 -22.75
CA GLN D 7 -44.33 7.23 -23.65
C GLN D 7 -43.41 8.18 -24.44
N GLU D 8 -43.90 9.38 -24.78
CA GLU D 8 -43.09 10.43 -25.45
C GLU D 8 -41.89 10.80 -24.56
N ILE D 9 -42.14 11.03 -23.27
CA ILE D 9 -41.14 11.49 -22.27
C ILE D 9 -40.07 10.40 -22.11
N ILE D 10 -40.49 9.15 -21.92
CA ILE D 10 -39.58 7.98 -21.77
C ILE D 10 -38.69 7.90 -23.01
N LYS D 11 -39.29 7.97 -24.20
CA LYS D 11 -38.56 7.82 -25.50
C LYS D 11 -37.52 8.95 -25.62
N THR D 12 -37.91 10.19 -25.35
CA THR D 12 -37.02 11.38 -25.46
C THR D 12 -35.86 11.28 -24.44
N THR D 13 -36.16 10.81 -23.23
CA THR D 13 -35.16 10.54 -22.16
C THR D 13 -34.15 9.50 -22.68
N GLU D 14 -34.64 8.40 -23.25
CA GLU D 14 -33.79 7.31 -23.83
C GLU D 14 -32.88 7.90 -24.93
N GLN D 15 -33.41 8.80 -25.75
CA GLN D 15 -32.65 9.45 -26.87
C GLN D 15 -31.54 10.31 -26.27
N LEU D 16 -31.85 11.12 -25.25
CA LEU D 16 -30.89 11.99 -24.53
C LEU D 16 -29.72 11.14 -24.02
N ILE D 17 -30.02 10.01 -23.38
CA ILE D 17 -29.00 9.10 -22.78
C ILE D 17 -28.17 8.45 -23.90
N GLU D 18 -28.80 8.07 -25.02
CA GLU D 18 -28.08 7.49 -26.19
C GLU D 18 -27.06 8.53 -26.70
N ALA D 19 -27.46 9.80 -26.77
CA ALA D 19 -26.62 10.93 -27.25
C ALA D 19 -25.38 11.04 -26.36
N VAL D 20 -25.58 11.01 -25.03
CA VAL D 20 -24.48 11.11 -24.03
C VAL D 20 -23.51 9.94 -24.26
N ASN D 21 -24.03 8.72 -24.36
CA ASN D 21 -23.24 7.46 -24.46
C ASN D 21 -22.45 7.43 -25.77
N ASN D 22 -22.98 8.05 -26.84
CA ASN D 22 -22.35 8.08 -28.18
C ASN D 22 -21.37 9.26 -28.30
N GLY D 23 -21.36 10.18 -27.34
CA GLY D 23 -20.54 11.40 -27.37
C GLY D 23 -21.01 12.36 -28.46
N ASP D 24 -22.32 12.36 -28.74
CA ASP D 24 -22.95 13.15 -29.82
C ASP D 24 -23.54 14.43 -29.22
N PHE D 25 -22.72 15.48 -29.08
CA PHE D 25 -23.11 16.77 -28.48
C PHE D 25 -24.18 17.46 -29.35
N GLU D 26 -24.11 17.25 -30.67
CA GLU D 26 -25.07 17.80 -31.66
C GLU D 26 -26.49 17.37 -31.28
N ALA D 27 -26.69 16.06 -31.08
CA ALA D 27 -28.00 15.43 -30.72
C ALA D 27 -28.44 15.90 -29.34
N TYR D 28 -27.50 15.97 -28.39
CA TYR D 28 -27.72 16.37 -26.97
C TYR D 28 -28.27 17.81 -26.92
N ALA D 29 -27.66 18.73 -27.67
CA ALA D 29 -28.01 20.17 -27.71
C ALA D 29 -29.43 20.38 -28.24
N LYS D 30 -29.87 19.56 -29.19
CA LYS D 30 -31.23 19.64 -29.81
C LYS D 30 -32.29 19.35 -28.75
N ILE D 31 -32.02 18.42 -27.82
CA ILE D 31 -33.00 17.91 -26.81
C ILE D 31 -32.99 18.79 -25.55
N CYS D 32 -31.86 19.45 -25.25
CA CYS D 32 -31.69 20.29 -24.04
C CYS D 32 -32.01 21.75 -24.35
N ASP D 33 -32.81 22.41 -23.50
CA ASP D 33 -33.00 23.88 -23.52
C ASP D 33 -31.64 24.53 -23.25
N PRO D 34 -31.31 25.67 -23.91
CA PRO D 34 -30.02 26.33 -23.68
C PRO D 34 -29.84 26.84 -22.23
N GLY D 35 -30.93 27.08 -21.50
CA GLY D 35 -30.91 27.52 -20.10
C GLY D 35 -31.05 26.35 -19.13
N LEU D 36 -30.65 25.14 -19.56
CA LEU D 36 -30.63 23.89 -18.76
C LEU D 36 -29.88 24.13 -17.45
N THR D 37 -30.55 23.92 -16.31
CA THR D 37 -29.91 23.89 -14.98
C THR D 37 -29.68 22.43 -14.59
N SER D 38 -28.70 22.18 -13.72
CA SER D 38 -28.19 20.81 -13.44
C SER D 38 -27.61 20.73 -12.02
N PHE D 39 -28.06 19.72 -11.26
CA PHE D 39 -27.38 19.20 -10.05
C PHE D 39 -26.83 17.81 -10.39
N GLU D 40 -25.52 17.61 -10.22
CA GLU D 40 -24.84 16.32 -10.54
C GLU D 40 -23.55 16.21 -9.74
N PRO D 41 -23.08 14.98 -9.45
CA PRO D 41 -21.88 14.77 -8.63
C PRO D 41 -20.65 15.58 -9.05
N GLU D 42 -20.42 15.73 -10.36
CA GLU D 42 -19.18 16.36 -10.92
C GLU D 42 -19.22 17.89 -10.75
N ALA D 43 -20.35 18.45 -10.29
CA ALA D 43 -20.52 19.91 -10.04
C ALA D 43 -20.37 20.23 -8.54
N LEU D 44 -20.03 19.22 -7.72
CA LEU D 44 -19.64 19.39 -6.29
C LEU D 44 -20.70 20.16 -5.50
N GLY D 45 -21.99 19.87 -5.73
CA GLY D 45 -23.10 20.43 -4.94
C GLY D 45 -23.55 21.80 -5.42
N ASN D 46 -23.00 22.30 -6.54
CA ASN D 46 -23.40 23.61 -7.13
C ASN D 46 -24.43 23.39 -8.23
N LEU D 47 -25.33 24.36 -8.43
CA LEU D 47 -26.23 24.42 -9.61
C LEU D 47 -25.46 25.03 -10.78
N VAL D 48 -25.32 24.31 -11.88
CA VAL D 48 -24.59 24.79 -13.09
C VAL D 48 -25.63 25.11 -14.17
N GLU D 49 -25.34 26.14 -14.99
CA GLU D 49 -26.22 26.69 -16.05
C GLU D 49 -25.68 26.22 -17.41
N GLY D 50 -26.53 26.27 -18.44
CA GLY D 50 -26.64 25.27 -19.53
C GLY D 50 -25.40 25.10 -20.39
N MET D 51 -25.16 23.85 -20.78
CA MET D 51 -24.35 23.33 -21.91
C MET D 51 -22.84 23.45 -21.80
N ASP D 52 -22.22 24.54 -21.36
CA ASP D 52 -20.74 24.71 -21.36
C ASP D 52 -20.11 23.64 -20.46
N PHE D 53 -20.73 23.36 -19.31
CA PHE D 53 -20.22 22.41 -18.29
C PHE D 53 -20.24 20.99 -18.86
N HIS D 54 -21.28 20.65 -19.62
CA HIS D 54 -21.48 19.32 -20.25
C HIS D 54 -20.58 19.17 -21.48
N ARG D 55 -20.43 20.24 -22.28
CA ARG D 55 -19.59 20.26 -23.50
C ARG D 55 -18.23 19.61 -23.22
N PHE D 56 -17.63 19.95 -22.07
CA PHE D 56 -16.29 19.50 -21.64
C PHE D 56 -16.19 17.98 -21.73
N TYR D 57 -17.22 17.25 -21.31
CA TYR D 57 -17.20 15.76 -21.20
C TYR D 57 -17.37 15.14 -22.60
N PHE D 58 -17.96 15.88 -23.55
CA PHE D 58 -18.12 15.47 -24.97
C PHE D 58 -16.82 15.73 -25.74
N GLU D 59 -16.27 16.95 -25.63
CA GLU D 59 -15.09 17.41 -26.41
C GLU D 59 -13.83 16.62 -26.04
N ASN D 60 -13.76 16.01 -24.86
CA ASN D 60 -12.57 15.27 -24.37
C ASN D 60 -12.88 13.78 -24.26
N LEU D 61 -13.77 13.29 -25.13
CA LEU D 61 -14.07 11.83 -25.29
C LEU D 61 -13.43 11.35 -26.61
N LEU D 62 -12.37 10.54 -26.49
CA LEU D 62 -11.53 10.06 -27.62
C LEU D 62 -11.85 8.59 -27.90
N LYS D 67 -14.91 2.12 -24.34
CA LYS D 67 -15.27 0.92 -23.54
C LYS D 67 -16.75 0.61 -23.75
N PRO D 68 -17.16 -0.68 -23.73
CA PRO D 68 -18.58 -1.03 -23.83
C PRO D 68 -19.36 -0.60 -22.57
N ILE D 69 -20.51 0.04 -22.77
CA ILE D 69 -21.43 0.50 -21.69
C ILE D 69 -22.86 0.19 -22.11
N HIS D 70 -23.62 -0.48 -21.23
CA HIS D 70 -25.09 -0.71 -21.36
C HIS D 70 -25.82 0.08 -20.27
N THR D 71 -26.83 0.87 -20.64
CA THR D 71 -27.69 1.67 -19.73
C THR D 71 -29.05 0.98 -19.63
N THR D 72 -29.60 0.88 -18.42
CA THR D 72 -30.96 0.38 -18.15
C THR D 72 -31.72 1.45 -17.37
N ILE D 73 -32.90 1.83 -17.84
CA ILE D 73 -33.84 2.74 -17.13
C ILE D 73 -34.86 1.87 -16.39
N LEU D 74 -34.87 1.94 -15.05
CA LEU D 74 -35.77 1.14 -14.17
C LEU D 74 -36.85 2.04 -13.58
N ASN D 75 -38.09 1.54 -13.51
CA ASN D 75 -39.24 2.14 -12.79
C ASN D 75 -39.35 3.62 -13.13
N PRO D 76 -39.42 4.00 -14.43
CA PRO D 76 -39.66 5.39 -14.80
C PRO D 76 -41.06 5.80 -14.32
N HIS D 77 -41.13 6.86 -13.52
CA HIS D 77 -42.39 7.52 -13.10
C HIS D 77 -42.47 8.86 -13.82
N VAL D 78 -43.52 9.07 -14.62
CA VAL D 78 -43.76 10.34 -15.38
C VAL D 78 -44.94 11.06 -14.72
N HIS D 79 -44.74 12.31 -14.30
CA HIS D 79 -45.82 13.26 -13.93
C HIS D 79 -46.08 14.16 -15.15
N VAL D 80 -47.28 14.11 -15.71
CA VAL D 80 -47.72 15.05 -16.79
C VAL D 80 -48.43 16.22 -16.10
N ILE D 81 -48.04 17.45 -16.43
CA ILE D 81 -48.56 18.70 -15.81
C ILE D 81 -49.08 19.61 -16.94
N GLY D 82 -50.31 19.38 -17.40
CA GLY D 82 -50.86 20.04 -18.60
C GLY D 82 -50.16 19.55 -19.86
N GLU D 83 -50.31 20.30 -20.96
CA GLU D 83 -49.98 19.84 -22.33
C GLU D 83 -48.52 20.17 -22.69
N ASP D 84 -47.84 21.04 -21.91
CA ASP D 84 -46.50 21.58 -22.26
C ASP D 84 -45.43 21.19 -21.23
N ALA D 85 -45.80 20.53 -20.12
CA ALA D 85 -44.89 20.29 -18.97
C ALA D 85 -44.98 18.84 -18.49
N ALA D 86 -43.84 18.21 -18.26
CA ALA D 86 -43.72 16.83 -17.74
C ALA D 86 -42.45 16.71 -16.89
N CYS D 87 -42.50 15.83 -15.89
CA CYS D 87 -41.39 15.46 -15.00
C CYS D 87 -41.23 13.94 -15.06
N ILE D 88 -40.01 13.44 -15.27
CA ILE D 88 -39.69 11.98 -15.16
C ILE D 88 -38.64 11.77 -14.07
N ALA D 89 -38.83 10.72 -13.26
CA ALA D 89 -37.90 10.21 -12.25
C ALA D 89 -37.65 8.74 -12.54
N TYR D 90 -36.39 8.30 -12.60
CA TYR D 90 -36.01 6.91 -12.92
C TYR D 90 -34.68 6.58 -12.24
N ILE D 91 -34.41 5.28 -12.13
CA ILE D 91 -33.09 4.75 -11.71
C ILE D 91 -32.32 4.40 -13.00
N ARG D 92 -31.09 4.89 -13.12
CA ARG D 92 -30.19 4.56 -14.25
C ARG D 92 -29.16 3.57 -13.76
N LEU D 93 -29.25 2.32 -14.20
CA LEU D 93 -28.23 1.26 -14.01
C LEU D 93 -27.29 1.28 -15.21
N THR D 94 -25.99 1.44 -14.94
CA THR D 94 -24.93 1.49 -15.98
C THR D 94 -23.99 0.29 -15.78
N GLN D 95 -23.99 -0.63 -16.74
CA GLN D 95 -23.03 -1.75 -16.86
C GLN D 95 -21.87 -1.29 -17.74
N TYR D 96 -20.64 -1.44 -17.28
CA TYR D 96 -19.42 -1.13 -18.06
C TYR D 96 -18.29 -2.10 -17.66
N ILE D 97 -17.21 -2.14 -18.47
CA ILE D 97 -15.96 -2.87 -18.13
C ILE D 97 -14.92 -1.83 -17.69
N ASP D 98 -14.33 -2.00 -16.51
CA ASP D 98 -13.33 -1.07 -15.94
C ASP D 98 -11.97 -1.31 -16.62
N GLY D 99 -10.95 -0.54 -16.24
CA GLY D 99 -9.58 -0.62 -16.79
C GLY D 99 -9.00 -2.02 -16.68
N GLN D 100 -9.15 -2.66 -15.52
CA GLN D 100 -8.60 -4.02 -15.21
C GLN D 100 -9.41 -5.12 -15.93
N GLY D 101 -10.40 -4.76 -16.76
CA GLY D 101 -11.17 -5.70 -17.60
C GLY D 101 -12.33 -6.36 -16.85
N ARG D 102 -12.60 -5.94 -15.61
CA ARG D 102 -13.69 -6.46 -14.75
C ARG D 102 -15.01 -5.80 -15.12
N PRO D 103 -16.16 -6.52 -15.07
CA PRO D 103 -17.47 -5.90 -15.26
C PRO D 103 -17.95 -5.23 -13.96
N ARG D 104 -18.54 -4.04 -14.08
CA ARG D 104 -18.98 -3.22 -12.93
C ARG D 104 -20.38 -2.66 -13.23
N THR D 105 -21.17 -2.44 -12.18
CA THR D 105 -22.48 -1.75 -12.24
C THR D 105 -22.44 -0.54 -11.32
N SER D 106 -22.86 0.62 -11.81
CA SER D 106 -23.09 1.83 -11.00
C SER D 106 -24.56 2.22 -11.11
N GLN D 107 -25.09 2.91 -10.10
CA GLN D 107 -26.49 3.37 -10.02
C GLN D 107 -26.50 4.88 -9.84
N SER D 108 -27.43 5.56 -10.53
CA SER D 108 -27.77 6.97 -10.23
C SER D 108 -29.29 7.12 -10.26
N GLU D 109 -29.80 8.01 -9.43
CA GLU D 109 -31.22 8.42 -9.42
C GLU D 109 -31.28 9.75 -10.21
N GLU D 110 -32.17 9.84 -11.19
CA GLU D 110 -32.24 11.02 -12.08
C GLU D 110 -33.67 11.55 -12.14
N THR D 111 -33.80 12.87 -11.99
CA THR D 111 -35.00 13.68 -12.26
C THR D 111 -34.72 14.52 -13.51
N ARG D 112 -35.60 14.47 -14.50
CA ARG D 112 -35.56 15.37 -15.69
C ARG D 112 -36.91 16.09 -15.83
N VAL D 113 -36.88 17.42 -15.88
CA VAL D 113 -38.08 18.27 -16.11
C VAL D 113 -38.09 18.69 -17.57
N TRP D 114 -39.23 18.49 -18.23
CA TRP D 114 -39.42 18.69 -19.70
C TRP D 114 -40.42 19.81 -19.95
N HIS D 115 -40.15 20.63 -20.97
CA HIS D 115 -41.02 21.70 -21.48
C HIS D 115 -41.14 21.54 -23.00
N ARG D 116 -42.35 21.46 -23.52
CA ARG D 116 -42.61 21.41 -24.99
C ARG D 116 -42.59 22.84 -25.53
N ARG D 117 -41.68 23.11 -26.48
CA ARG D 117 -41.55 24.40 -27.18
C ARG D 117 -41.51 24.14 -28.69
N ASP D 118 -42.47 24.74 -29.44
CA ASP D 118 -42.69 24.55 -30.89
C ASP D 118 -42.64 23.05 -31.22
N GLY D 119 -43.45 22.23 -30.53
CA GLY D 119 -43.74 20.84 -30.90
C GLY D 119 -42.74 19.83 -30.33
N LYS D 120 -41.49 20.25 -30.08
CA LYS D 120 -40.42 19.35 -29.55
C LYS D 120 -40.35 19.46 -28.01
N TRP D 121 -40.02 18.35 -27.36
CA TRP D 121 -39.80 18.26 -25.88
C TRP D 121 -38.37 18.70 -25.57
N GLN D 122 -38.21 19.59 -24.58
CA GLN D 122 -36.90 20.18 -24.19
C GLN D 122 -36.65 19.91 -22.69
N ASN D 123 -35.43 19.46 -22.37
CA ASN D 123 -34.96 19.23 -20.97
C ASN D 123 -34.46 20.56 -20.39
N VAL D 124 -35.16 21.11 -19.39
CA VAL D 124 -34.87 22.44 -18.79
C VAL D 124 -34.12 22.27 -17.45
N HIS D 125 -34.33 21.16 -16.75
CA HIS D 125 -33.66 20.88 -15.45
C HIS D 125 -33.34 19.39 -15.32
N PHE D 126 -32.19 19.09 -14.72
CA PHE D 126 -31.64 17.73 -14.52
C PHE D 126 -31.05 17.66 -13.10
N HIS D 127 -31.52 16.70 -12.31
CA HIS D 127 -30.94 16.36 -10.97
C HIS D 127 -30.45 14.91 -11.02
N CYS D 128 -29.14 14.70 -10.80
CA CYS D 128 -28.49 13.36 -10.71
C CYS D 128 -27.87 13.22 -9.32
N SER D 129 -28.21 12.14 -8.60
CA SER D 129 -27.53 11.70 -7.35
C SER D 129 -27.00 10.27 -7.54
N GLY D 130 -25.93 9.93 -6.83
CA GLY D 130 -25.23 8.64 -6.94
C GLY D 130 -24.00 8.75 -7.84
N ALA D 131 -23.81 7.76 -8.71
CA ALA D 131 -22.61 7.60 -9.55
C ALA D 131 -22.64 8.57 -10.73
N PRO D 132 -21.51 9.25 -11.04
CA PRO D 132 -21.37 9.98 -12.29
C PRO D 132 -21.09 8.98 -13.44
N VAL D 133 -21.97 8.96 -14.45
CA VAL D 133 -22.16 7.80 -15.37
C VAL D 133 -21.92 8.20 -16.84
N ALA D 134 -21.34 9.37 -17.10
CA ALA D 134 -20.90 9.79 -18.45
C ALA D 134 -19.74 8.89 -18.88
N PRO D 135 -19.60 8.54 -20.18
CA PRO D 135 -18.51 7.65 -20.63
C PRO D 135 -17.09 8.04 -20.17
N LEU D 136 -16.80 9.33 -20.07
CA LEU D 136 -15.46 9.84 -19.63
C LEU D 136 -15.30 9.62 -18.12
N GLN D 137 -16.41 9.46 -17.39
CA GLN D 137 -16.53 8.98 -15.98
C GLN D 137 -16.40 10.18 -15.05
N HIS E 3 44.37 17.91 31.63
CA HIS E 3 43.86 18.72 30.47
C HIS E 3 44.36 18.14 29.14
N MET E 4 45.54 17.49 29.13
CA MET E 4 46.16 16.91 27.91
C MET E 4 45.77 15.43 27.76
N ARG E 5 45.44 14.75 28.86
CA ARG E 5 44.93 13.35 28.86
C ARG E 5 43.55 13.30 28.20
N LYS E 6 42.70 14.30 28.47
CA LYS E 6 41.34 14.45 27.87
C LYS E 6 41.46 14.51 26.34
N GLN E 7 42.44 15.27 25.82
CA GLN E 7 42.62 15.50 24.37
C GLN E 7 43.08 14.21 23.67
N GLU E 8 43.86 13.37 24.36
CA GLU E 8 44.28 12.04 23.87
C GLU E 8 43.04 11.19 23.58
N ILE E 9 42.10 11.14 24.54
CA ILE E 9 40.87 10.29 24.49
C ILE E 9 39.99 10.75 23.31
N ILE E 10 39.76 12.07 23.19
CA ILE E 10 38.95 12.66 22.08
C ILE E 10 39.59 12.25 20.75
N LYS E 11 40.92 12.43 20.62
CA LYS E 11 41.66 12.18 19.36
C LYS E 11 41.53 10.70 18.99
N THR E 12 41.74 9.79 19.95
CA THR E 12 41.71 8.33 19.69
C THR E 12 40.28 7.89 19.35
N THR E 13 39.25 8.48 19.99
CA THR E 13 37.82 8.26 19.67
C THR E 13 37.56 8.67 18.21
N GLU E 14 38.05 9.85 17.81
CA GLU E 14 37.90 10.38 16.42
C GLU E 14 38.56 9.41 15.43
N GLN E 15 39.72 8.85 15.79
CA GLN E 15 40.47 7.87 14.94
C GLN E 15 39.62 6.60 14.77
N LEU E 16 39.09 6.08 15.88
CA LEU E 16 38.22 4.87 15.89
C LEU E 16 37.04 5.07 14.93
N ILE E 17 36.38 6.22 14.98
CA ILE E 17 35.20 6.54 14.14
C ILE E 17 35.63 6.67 12.67
N GLU E 18 36.80 7.27 12.41
CA GLU E 18 37.34 7.39 11.03
C GLU E 18 37.55 5.98 10.46
N ALA E 19 38.08 5.05 11.27
CA ALA E 19 38.35 3.65 10.88
C ALA E 19 37.05 2.98 10.48
N VAL E 20 35.99 3.14 11.27
CA VAL E 20 34.65 2.54 11.00
C VAL E 20 34.14 3.09 9.66
N ASN E 21 34.19 4.41 9.47
CA ASN E 21 33.63 5.10 8.27
C ASN E 21 34.41 4.71 7.00
N ASN E 22 35.71 4.40 7.13
CA ASN E 22 36.59 4.02 5.99
C ASN E 22 36.53 2.51 5.73
N GLY E 23 35.88 1.74 6.61
CA GLY E 23 35.79 0.26 6.50
C GLY E 23 37.14 -0.39 6.74
N ASP E 24 37.97 0.23 7.57
CA ASP E 24 39.37 -0.19 7.85
C ASP E 24 39.38 -1.01 9.15
N PHE E 25 39.13 -2.31 9.06
CA PHE E 25 39.08 -3.24 10.22
C PHE E 25 40.46 -3.34 10.87
N GLU E 26 41.52 -3.23 10.07
CA GLU E 26 42.94 -3.28 10.52
C GLU E 26 43.15 -2.20 11.59
N ALA E 27 42.78 -0.95 11.28
CA ALA E 27 42.93 0.24 12.15
C ALA E 27 42.04 0.09 13.38
N TYR E 28 40.80 -0.39 13.19
CA TYR E 28 39.77 -0.59 14.24
C TYR E 28 40.29 -1.58 15.31
N ALA E 29 40.86 -2.70 14.86
CA ALA E 29 41.37 -3.80 15.73
C ALA E 29 42.53 -3.31 16.62
N LYS E 30 43.37 -2.40 16.11
CA LYS E 30 44.53 -1.85 16.84
C LYS E 30 44.04 -1.03 18.03
N ILE E 31 42.92 -0.33 17.89
CA ILE E 31 42.38 0.63 18.90
C ILE E 31 41.49 -0.10 19.92
N CYS E 32 40.86 -1.21 19.53
CA CYS E 32 39.94 -2.00 20.39
C CYS E 32 40.68 -3.12 21.09
N ASP E 33 40.46 -3.28 22.40
CA ASP E 33 40.90 -4.46 23.19
C ASP E 33 40.23 -5.69 22.60
N PRO E 34 40.90 -6.86 22.52
CA PRO E 34 40.28 -8.06 21.98
C PRO E 34 39.07 -8.57 22.79
N GLY E 35 38.99 -8.20 24.07
CA GLY E 35 37.87 -8.55 24.97
C GLY E 35 36.81 -7.45 25.03
N LEU E 36 36.73 -6.62 23.99
CA LEU E 36 35.75 -5.50 23.83
C LEU E 36 34.34 -6.04 24.05
N THR E 37 33.62 -5.50 25.03
CA THR E 37 32.17 -5.75 25.22
C THR E 37 31.40 -4.58 24.60
N SER E 38 30.16 -4.82 24.19
CA SER E 38 29.39 -3.88 23.34
C SER E 38 27.88 -4.06 23.57
N PHE E 39 27.19 -2.94 23.85
CA PHE E 39 25.72 -2.79 23.72
C PHE E 39 25.46 -1.86 22.54
N GLU E 40 24.68 -2.32 21.55
CA GLU E 40 24.37 -1.54 20.32
C GLU E 40 23.08 -2.06 19.71
N PRO E 41 22.33 -1.21 18.96
CA PRO E 41 21.03 -1.60 18.42
C PRO E 41 20.99 -2.93 17.65
N GLU E 42 22.03 -3.23 16.87
CA GLU E 42 22.05 -4.41 15.96
C GLU E 42 22.33 -5.70 16.74
N ALA E 43 22.60 -5.62 18.06
CA ALA E 43 22.78 -6.78 18.96
C ALA E 43 21.48 -7.09 19.75
N LEU E 44 20.39 -6.37 19.47
CA LEU E 44 19.01 -6.65 19.96
C LEU E 44 18.98 -6.78 21.49
N GLY E 45 19.70 -5.91 22.20
CA GLY E 45 19.63 -5.83 23.68
C GLY E 45 20.57 -6.81 24.37
N ASN E 46 21.39 -7.55 23.62
CA ASN E 46 22.38 -8.51 24.17
C ASN E 46 23.75 -7.83 24.29
N LEU E 47 24.55 -8.23 25.28
CA LEU E 47 25.99 -7.88 25.38
C LEU E 47 26.78 -8.83 24.48
N VAL E 48 27.52 -8.30 23.51
CA VAL E 48 28.37 -9.12 22.59
C VAL E 48 29.83 -8.91 22.97
N GLU E 49 30.67 -9.95 22.84
CA GLU E 49 32.04 -10.02 23.43
C GLU E 49 33.13 -9.79 22.38
N GLY E 50 33.04 -10.40 21.20
CA GLY E 50 34.19 -10.46 20.27
C GLY E 50 34.47 -9.16 19.54
N MET E 51 35.42 -9.24 18.61
CA MET E 51 35.57 -8.41 17.38
C MET E 51 34.78 -9.09 16.25
N ASP E 52 34.42 -10.36 16.43
CA ASP E 52 33.76 -11.20 15.38
C ASP E 52 32.44 -10.54 14.95
N PHE E 53 31.68 -10.01 15.89
CA PHE E 53 30.35 -9.40 15.64
C PHE E 53 30.50 -8.16 14.76
N HIS E 54 31.54 -7.36 15.01
CA HIS E 54 31.86 -6.11 14.28
C HIS E 54 32.48 -6.43 12.91
N ARG E 55 33.34 -7.46 12.84
CA ARG E 55 34.03 -7.90 11.60
C ARG E 55 33.01 -7.99 10.45
N PHE E 56 31.83 -8.55 10.74
CA PHE E 56 30.74 -8.79 9.75
C PHE E 56 30.44 -7.51 8.97
N TYR E 57 30.37 -6.36 9.64
CA TYR E 57 29.94 -5.06 9.05
C TYR E 57 31.08 -4.47 8.21
N PHE E 58 32.33 -4.86 8.48
CA PHE E 58 33.54 -4.46 7.71
C PHE E 58 33.69 -5.34 6.47
N GLU E 59 33.61 -6.66 6.62
CA GLU E 59 33.87 -7.67 5.55
C GLU E 59 32.81 -7.57 4.45
N ASN E 60 31.62 -7.04 4.73
CA ASN E 60 30.49 -6.96 3.75
C ASN E 60 30.22 -5.50 3.42
N LYS E 67 29.22 5.76 -0.30
CA LYS E 67 28.30 6.93 -0.15
C LYS E 67 28.99 7.99 0.70
N PRO E 68 28.73 9.30 0.46
CA PRO E 68 29.30 10.37 1.29
C PRO E 68 28.67 10.36 2.71
N ILE E 69 29.51 10.45 3.73
CA ILE E 69 29.11 10.45 5.17
C ILE E 69 29.99 11.46 5.90
N HIS E 70 29.38 12.39 6.65
CA HIS E 70 30.07 13.33 7.58
C HIS E 70 29.63 13.00 9.01
N THR E 71 30.60 12.81 9.92
CA THR E 71 30.37 12.55 11.36
C THR E 71 30.70 13.82 12.14
N THR E 72 29.86 14.18 13.12
CA THR E 72 30.10 15.28 14.08
C THR E 72 30.02 14.71 15.49
N ILE E 73 31.04 14.96 16.31
CA ILE E 73 31.05 14.62 17.76
C ILE E 73 30.65 15.88 18.54
N LEU E 74 29.51 15.82 19.25
CA LEU E 74 28.94 16.96 20.02
C LEU E 74 29.11 16.72 21.52
N ASN E 75 29.45 17.78 22.26
CA ASN E 75 29.47 17.84 23.75
C ASN E 75 30.20 16.63 24.31
N PRO E 76 31.44 16.33 23.87
CA PRO E 76 32.20 15.24 24.46
C PRO E 76 32.52 15.57 25.92
N HIS E 77 32.12 14.68 26.84
CA HIS E 77 32.50 14.69 28.27
C HIS E 77 33.51 13.58 28.51
N VAL E 78 34.71 13.89 28.98
CA VAL E 78 35.76 12.89 29.35
C VAL E 78 35.89 12.85 30.87
N HIS E 79 35.71 11.66 31.47
CA HIS E 79 36.13 11.37 32.88
C HIS E 79 37.49 10.70 32.83
N VAL E 80 38.52 11.31 33.41
CA VAL E 80 39.84 10.66 33.66
C VAL E 80 39.79 10.01 35.05
N ILE E 81 40.18 8.75 35.14
CA ILE E 81 40.12 7.93 36.39
C ILE E 81 41.52 7.35 36.64
N GLY E 82 42.41 8.14 37.23
CA GLY E 82 43.84 7.80 37.35
C GLY E 82 44.53 7.84 36.00
N GLU E 83 45.70 7.21 35.90
CA GLU E 83 46.66 7.39 34.77
C GLU E 83 46.37 6.38 33.63
N ASP E 84 45.58 5.34 33.88
CA ASP E 84 45.42 4.19 32.94
C ASP E 84 43.97 4.03 32.47
N ALA E 85 43.03 4.82 32.99
CA ALA E 85 41.57 4.63 32.78
C ALA E 85 40.90 5.96 32.45
N ALA E 86 40.05 5.96 31.43
CA ALA E 86 39.22 7.12 31.00
C ALA E 86 37.90 6.63 30.42
N CYS E 87 36.86 7.45 30.57
CA CYS E 87 35.50 7.25 30.02
C CYS E 87 35.14 8.49 29.20
N ILE E 88 34.65 8.32 27.97
CA ILE E 88 34.11 9.44 27.14
C ILE E 88 32.65 9.15 26.79
N ALA E 89 31.81 10.18 26.88
CA ALA E 89 30.39 10.18 26.48
C ALA E 89 30.18 11.35 25.51
N TYR E 90 29.56 11.09 24.37
CA TYR E 90 29.35 12.10 23.30
C TYR E 90 28.10 11.74 22.50
N ILE E 91 27.58 12.72 21.78
CA ILE E 91 26.53 12.54 20.74
C ILE E 91 27.23 12.44 19.39
N ARG E 92 26.92 11.40 18.62
CA ARG E 92 27.41 11.23 17.22
C ARG E 92 26.26 11.62 16.28
N LEU E 93 26.40 12.77 15.60
CA LEU E 93 25.54 13.17 14.46
C LEU E 93 26.17 12.66 13.16
N THR E 94 25.43 11.90 12.37
CA THR E 94 25.88 11.32 11.09
C THR E 94 25.00 11.89 9.97
N GLN E 95 25.61 12.69 9.09
CA GLN E 95 25.01 13.12 7.80
C GLN E 95 25.42 12.14 6.72
N TYR E 96 24.46 11.63 5.95
CA TYR E 96 24.69 10.73 4.80
C TYR E 96 23.63 10.96 3.72
N ILE E 97 23.88 10.43 2.52
CA ILE E 97 22.89 10.37 1.40
C ILE E 97 22.36 8.94 1.33
N ASP E 98 21.04 8.76 1.41
CA ASP E 98 20.38 7.43 1.38
C ASP E 98 20.35 6.91 -0.07
N GLY E 99 19.79 5.71 -0.28
CA GLY E 99 19.67 5.06 -1.59
C GLY E 99 18.96 5.93 -2.62
N GLN E 100 17.86 6.57 -2.23
CA GLN E 100 16.99 7.43 -3.10
C GLN E 100 17.67 8.79 -3.37
N GLY E 101 18.90 9.00 -2.89
CA GLY E 101 19.70 10.22 -3.16
C GLY E 101 19.37 11.38 -2.23
N ARG E 102 18.51 11.17 -1.22
CA ARG E 102 18.06 12.20 -0.25
C ARG E 102 19.12 12.33 0.85
N PRO E 103 19.36 13.55 1.40
CA PRO E 103 20.22 13.73 2.55
C PRO E 103 19.46 13.42 3.86
N ARG E 104 20.12 12.72 4.78
CA ARG E 104 19.51 12.28 6.07
C ARG E 104 20.50 12.54 7.21
N THR E 105 19.97 12.79 8.40
CA THR E 105 20.77 12.88 9.65
C THR E 105 20.25 11.82 10.63
N SER E 106 21.15 11.04 11.21
CA SER E 106 20.83 10.12 12.32
C SER E 106 21.66 10.53 13.55
N GLN E 107 21.15 10.24 14.74
CA GLN E 107 21.81 10.53 16.03
C GLN E 107 22.01 9.23 16.80
N SER E 108 23.16 9.09 17.45
CA SER E 108 23.39 8.04 18.47
C SER E 108 24.13 8.66 19.66
N GLU E 109 23.83 8.16 20.85
CA GLU E 109 24.53 8.50 22.10
C GLU E 109 25.52 7.36 22.35
N GLU E 110 26.81 7.69 22.58
CA GLU E 110 27.87 6.67 22.72
C GLU E 110 28.67 6.92 23.99
N THR E 111 28.88 5.85 24.75
CA THR E 111 29.83 5.73 25.87
C THR E 111 30.97 4.82 25.43
N ARG E 112 32.23 5.26 25.56
CA ARG E 112 33.43 4.43 25.32
C ARG E 112 34.33 4.47 26.57
N VAL E 113 34.66 3.30 27.10
CA VAL E 113 35.58 3.13 28.26
C VAL E 113 36.96 2.74 27.71
N TRP E 114 37.99 3.44 28.15
CA TRP E 114 39.38 3.32 27.64
C TRP E 114 40.31 2.82 28.75
N HIS E 115 41.24 1.94 28.39
CA HIS E 115 42.31 1.41 29.27
C HIS E 115 43.63 1.55 28.52
N ARG E 116 44.63 2.18 29.13
CA ARG E 116 46.00 2.30 28.57
C ARG E 116 46.77 1.01 28.90
N ARG E 117 47.24 0.31 27.87
CA ARG E 117 48.11 -0.89 28.00
C ARG E 117 49.33 -0.71 27.10
N ASP E 118 50.54 -0.78 27.70
CA ASP E 118 51.85 -0.56 27.04
C ASP E 118 51.78 0.69 26.15
N GLY E 119 51.37 1.83 26.72
CA GLY E 119 51.50 3.17 26.12
C GLY E 119 50.34 3.54 25.19
N LYS E 120 49.64 2.57 24.61
CA LYS E 120 48.49 2.82 23.70
C LYS E 120 47.17 2.77 24.49
N TRP E 121 46.21 3.62 24.10
CA TRP E 121 44.82 3.64 24.64
C TRP E 121 43.99 2.58 23.92
N GLN E 122 43.25 1.77 24.68
CA GLN E 122 42.44 0.63 24.16
C GLN E 122 40.98 0.79 24.60
N ASN E 123 40.04 0.61 23.67
CA ASN E 123 38.59 0.63 23.92
C ASN E 123 38.15 -0.76 24.42
N VAL E 124 37.73 -0.86 25.68
CA VAL E 124 37.37 -2.15 26.34
C VAL E 124 35.85 -2.34 26.38
N HIS E 125 35.08 -1.25 26.41
CA HIS E 125 33.60 -1.30 26.44
C HIS E 125 33.01 -0.15 25.61
N PHE E 126 31.92 -0.45 24.92
CA PHE E 126 31.19 0.48 24.01
C PHE E 126 29.69 0.29 24.25
N HIS E 127 28.98 1.37 24.58
CA HIS E 127 27.50 1.42 24.66
C HIS E 127 27.00 2.43 23.63
N CYS E 128 26.18 1.99 22.67
CA CYS E 128 25.53 2.82 21.63
C CYS E 128 24.00 2.69 21.79
N SER E 129 23.31 3.82 21.91
CA SER E 129 21.82 3.90 21.81
C SER E 129 21.44 4.86 20.68
N GLY E 130 20.27 4.65 20.08
CA GLY E 130 19.76 5.41 18.93
C GLY E 130 20.03 4.70 17.62
N ALA E 131 20.48 5.44 16.60
CA ALA E 131 20.65 4.96 15.21
C ALA E 131 21.90 4.10 15.10
N PRO E 132 21.83 2.95 14.40
CA PRO E 132 23.04 2.22 13.98
C PRO E 132 23.67 2.93 12.78
N VAL E 133 24.93 3.36 12.93
CA VAL E 133 25.56 4.45 12.10
C VAL E 133 26.82 3.92 11.40
N ALA E 134 27.05 2.61 11.38
CA ALA E 134 28.07 1.96 10.52
C ALA E 134 27.65 2.15 9.06
N PRO E 135 28.61 2.35 8.12
CA PRO E 135 28.27 2.59 6.70
C PRO E 135 27.31 1.58 6.07
N LEU E 136 27.39 0.30 6.45
CA LEU E 136 26.50 -0.77 5.91
C LEU E 136 25.08 -0.60 6.49
N GLN E 137 24.97 0.06 7.65
CA GLN E 137 23.72 0.57 8.29
C GLN E 137 23.04 -0.55 9.10
N MET F 4 -2.13 -54.03 15.36
CA MET F 4 -1.70 -54.23 13.95
C MET F 4 -2.81 -53.81 12.98
N ARG F 5 -4.07 -53.77 13.43
CA ARG F 5 -5.20 -53.15 12.69
C ARG F 5 -4.99 -51.63 12.62
N LYS F 6 -4.48 -51.02 13.70
CA LYS F 6 -4.14 -49.57 13.76
C LYS F 6 -3.13 -49.21 12.66
N GLN F 7 -2.11 -50.05 12.47
CA GLN F 7 -0.98 -49.82 11.53
C GLN F 7 -1.49 -49.91 10.09
N GLU F 8 -2.47 -50.77 9.82
CA GLU F 8 -3.15 -50.87 8.49
C GLU F 8 -3.75 -49.51 8.12
N ILE F 9 -4.49 -48.91 9.06
CA ILE F 9 -5.25 -47.63 8.85
C ILE F 9 -4.26 -46.50 8.58
N ILE F 10 -3.20 -46.39 9.40
CA ILE F 10 -2.14 -45.36 9.23
C ILE F 10 -1.52 -45.52 7.82
N LYS F 11 -1.15 -46.74 7.46
CA LYS F 11 -0.47 -47.05 6.17
C LYS F 11 -1.39 -46.66 5.00
N THR F 12 -2.67 -47.03 5.05
CA THR F 12 -3.66 -46.74 3.97
C THR F 12 -3.89 -45.23 3.87
N THR F 13 -3.94 -44.53 5.01
CA THR F 13 -4.03 -43.04 5.07
C THR F 13 -2.82 -42.43 4.38
N GLU F 14 -1.61 -42.91 4.69
CA GLU F 14 -0.33 -42.45 4.07
C GLU F 14 -0.40 -42.66 2.55
N GLN F 15 -0.95 -43.79 2.10
CA GLN F 15 -1.08 -44.12 0.65
C GLN F 15 -2.02 -43.11 -0.02
N LEU F 16 -3.17 -42.86 0.61
CA LEU F 16 -4.19 -41.88 0.14
C LEU F 16 -3.53 -40.51 -0.07
N ILE F 17 -2.74 -40.05 0.91
CA ILE F 17 -2.06 -38.73 0.89
C ILE F 17 -0.99 -38.72 -0.21
N GLU F 18 -0.26 -39.82 -0.39
CA GLU F 18 0.76 -39.95 -1.48
C GLU F 18 0.06 -39.78 -2.82
N ALA F 19 -1.12 -40.38 -3.00
CA ALA F 19 -1.91 -40.31 -4.24
C ALA F 19 -2.28 -38.84 -4.54
N VAL F 20 -2.76 -38.12 -3.52
CA VAL F 20 -3.15 -36.69 -3.63
C VAL F 20 -1.93 -35.89 -4.08
N ASN F 21 -0.80 -36.07 -3.40
CA ASN F 21 0.45 -35.28 -3.62
C ASN F 21 1.03 -35.56 -5.02
N ASN F 22 0.83 -36.77 -5.55
CA ASN F 22 1.34 -37.19 -6.89
C ASN F 22 0.35 -36.82 -8.00
N GLY F 23 -0.86 -36.37 -7.65
CA GLY F 23 -1.92 -36.03 -8.61
C GLY F 23 -2.46 -37.26 -9.31
N ASP F 24 -2.44 -38.41 -8.61
CA ASP F 24 -2.82 -39.74 -9.16
C ASP F 24 -4.26 -40.03 -8.75
N PHE F 25 -5.23 -39.56 -9.53
CA PHE F 25 -6.68 -39.73 -9.27
C PHE F 25 -7.06 -41.22 -9.34
N GLU F 26 -6.38 -41.98 -10.19
CA GLU F 26 -6.59 -43.44 -10.36
C GLU F 26 -6.40 -44.15 -9.01
N ALA F 27 -5.27 -43.88 -8.35
CA ALA F 27 -4.89 -44.47 -7.03
C ALA F 27 -5.86 -43.98 -5.95
N TYR F 28 -6.23 -42.70 -5.98
CA TYR F 28 -7.14 -42.03 -5.01
C TYR F 28 -8.52 -42.71 -5.04
N ALA F 29 -9.06 -42.94 -6.23
CA ALA F 29 -10.40 -43.53 -6.47
C ALA F 29 -10.46 -44.98 -5.92
N LYS F 30 -9.35 -45.73 -6.00
CA LYS F 30 -9.27 -47.13 -5.52
C LYS F 30 -9.46 -47.17 -3.99
N ILE F 31 -8.95 -46.15 -3.27
CA ILE F 31 -8.91 -46.10 -1.78
C ILE F 31 -10.21 -45.47 -1.24
N CYS F 32 -10.88 -44.62 -2.01
CA CYS F 32 -12.12 -43.89 -1.62
C CYS F 32 -13.36 -44.66 -2.08
N ASP F 33 -14.33 -44.84 -1.19
CA ASP F 33 -15.70 -45.33 -1.54
C ASP F 33 -16.32 -44.32 -2.51
N PRO F 34 -17.10 -44.77 -3.53
CA PRO F 34 -17.72 -43.86 -4.47
C PRO F 34 -18.74 -42.89 -3.84
N GLY F 35 -19.29 -43.25 -2.67
CA GLY F 35 -20.24 -42.41 -1.91
C GLY F 35 -19.55 -41.58 -0.84
N LEU F 36 -18.26 -41.31 -1.01
CA LEU F 36 -17.42 -40.50 -0.09
C LEU F 36 -18.09 -39.16 0.19
N THR F 37 -18.38 -38.86 1.47
CA THR F 37 -18.83 -37.51 1.91
C THR F 37 -17.62 -36.77 2.47
N SER F 38 -17.66 -35.43 2.46
CA SER F 38 -16.48 -34.58 2.75
C SER F 38 -16.91 -33.21 3.30
N PHE F 39 -16.32 -32.81 4.41
CA PHE F 39 -16.25 -31.41 4.91
C PHE F 39 -14.80 -30.94 4.75
N GLU F 40 -14.59 -29.84 4.04
CA GLU F 40 -13.23 -29.26 3.80
C GLU F 40 -13.35 -27.77 3.50
N PRO F 41 -12.29 -26.97 3.78
CA PRO F 41 -12.37 -25.51 3.64
C PRO F 41 -12.89 -25.01 2.28
N GLU F 42 -12.49 -25.67 1.20
CA GLU F 42 -12.76 -25.22 -0.19
C GLU F 42 -14.22 -25.52 -0.57
N ALA F 43 -14.99 -26.20 0.28
CA ALA F 43 -16.44 -26.49 0.07
C ALA F 43 -17.31 -25.51 0.86
N LEU F 44 -16.71 -24.52 1.54
CA LEU F 44 -17.39 -23.34 2.15
C LEU F 44 -18.52 -23.78 3.10
N GLY F 45 -18.27 -24.81 3.92
CA GLY F 45 -19.20 -25.22 4.98
C GLY F 45 -20.28 -26.19 4.48
N ASN F 46 -20.24 -26.60 3.22
CA ASN F 46 -21.21 -27.57 2.65
C ASN F 46 -20.63 -28.99 2.72
N LEU F 47 -21.50 -29.99 2.90
CA LEU F 47 -21.15 -31.43 2.74
C LEU F 47 -21.23 -31.77 1.25
N VAL F 48 -20.12 -32.23 0.66
CA VAL F 48 -20.04 -32.61 -0.78
C VAL F 48 -19.97 -34.14 -0.87
N GLU F 49 -20.61 -34.72 -1.89
CA GLU F 49 -20.95 -36.18 -1.96
C GLU F 49 -20.02 -36.93 -2.92
N GLY F 50 -19.73 -36.38 -4.09
CA GLY F 50 -19.04 -37.14 -5.14
C GLY F 50 -17.54 -37.33 -4.88
N MET F 51 -16.89 -37.94 -5.88
CA MET F 51 -15.46 -37.80 -6.25
C MET F 51 -15.31 -36.59 -7.20
N ASP F 52 -16.43 -36.10 -7.74
CA ASP F 52 -16.47 -35.01 -8.75
C ASP F 52 -15.80 -33.76 -8.20
N PHE F 53 -16.04 -33.43 -6.93
CA PHE F 53 -15.52 -32.20 -6.28
C PHE F 53 -13.99 -32.26 -6.19
N HIS F 54 -13.45 -33.44 -5.88
CA HIS F 54 -12.00 -33.72 -5.73
C HIS F 54 -11.35 -33.83 -7.12
N ARG F 55 -12.02 -34.45 -8.09
CA ARG F 55 -11.52 -34.64 -9.48
C ARG F 55 -10.95 -33.32 -10.00
N PHE F 56 -11.64 -32.20 -9.74
CA PHE F 56 -11.28 -30.84 -10.23
C PHE F 56 -9.82 -30.53 -9.90
N TYR F 57 -9.37 -30.86 -8.68
CA TYR F 57 -8.02 -30.49 -8.16
C TYR F 57 -6.95 -31.41 -8.79
N PHE F 58 -7.34 -32.60 -9.25
CA PHE F 58 -6.47 -33.57 -9.96
C PHE F 58 -6.34 -33.19 -11.44
N GLU F 59 -7.47 -32.96 -12.11
CA GLU F 59 -7.56 -32.71 -13.58
C GLU F 59 -6.85 -31.41 -13.97
N ASN F 60 -6.70 -30.45 -13.05
CA ASN F 60 -6.12 -29.11 -13.35
C ASN F 60 -4.75 -28.96 -12.68
N LEU F 61 -4.09 -30.10 -12.39
CA LEU F 61 -2.70 -30.16 -11.89
C LEU F 61 -1.82 -30.66 -13.04
N LEU F 62 -1.00 -29.76 -13.60
CA LEU F 62 0.00 -30.04 -14.65
C LEU F 62 1.38 -30.02 -13.98
N ALA F 63 2.43 -30.38 -14.73
CA ALA F 63 3.85 -30.26 -14.32
C ALA F 63 4.15 -28.80 -13.94
N LYS F 64 3.48 -27.83 -14.60
CA LYS F 64 3.60 -26.37 -14.34
C LYS F 64 3.23 -26.04 -12.89
N ASN F 65 2.27 -26.78 -12.31
CA ASN F 65 1.72 -26.53 -10.95
C ASN F 65 2.42 -27.43 -9.93
N SER F 66 3.37 -28.27 -10.36
CA SER F 66 4.18 -29.14 -9.47
C SER F 66 5.25 -28.30 -8.79
N LYS F 67 5.79 -28.84 -7.69
CA LYS F 67 6.62 -28.15 -6.66
C LYS F 67 6.86 -29.14 -5.51
N PRO F 68 8.03 -29.10 -4.82
CA PRO F 68 8.32 -30.08 -3.77
C PRO F 68 7.45 -29.85 -2.52
N ILE F 69 6.84 -30.92 -2.00
CA ILE F 69 5.96 -30.90 -0.80
C ILE F 69 6.25 -32.15 0.03
N HIS F 70 6.53 -31.97 1.33
CA HIS F 70 6.68 -33.06 2.32
C HIS F 70 5.50 -32.99 3.31
N THR F 71 4.82 -34.12 3.48
CA THR F 71 3.67 -34.29 4.39
C THR F 71 4.12 -35.08 5.62
N THR F 72 3.72 -34.62 6.81
CA THR F 72 3.98 -35.31 8.10
C THR F 72 2.64 -35.55 8.79
N ILE F 73 2.39 -36.79 9.18
CA ILE F 73 1.20 -37.20 9.99
C ILE F 73 1.65 -37.23 11.45
N LEU F 74 1.07 -36.37 12.30
CA LEU F 74 1.43 -36.24 13.74
C LEU F 74 0.30 -36.79 14.60
N ASN F 75 0.66 -37.49 15.68
CA ASN F 75 -0.25 -37.99 16.76
C ASN F 75 -1.47 -38.64 16.15
N PRO F 76 -1.31 -39.63 15.24
CA PRO F 76 -2.46 -40.35 14.68
C PRO F 76 -3.13 -41.14 15.82
N HIS F 77 -4.41 -40.91 16.04
CA HIS F 77 -5.28 -41.67 16.96
C HIS F 77 -6.22 -42.51 16.11
N VAL F 78 -6.18 -43.83 16.24
CA VAL F 78 -7.05 -44.79 15.50
C VAL F 78 -8.05 -45.39 16.48
N HIS F 79 -9.35 -45.24 16.21
CA HIS F 79 -10.46 -45.95 16.89
C HIS F 79 -10.84 -47.13 16.01
N VAL F 80 -10.70 -48.36 16.52
CA VAL F 80 -11.18 -49.60 15.86
C VAL F 80 -12.59 -49.87 16.39
N ILE F 81 -13.54 -50.10 15.49
CA ILE F 81 -14.99 -50.32 15.81
C ILE F 81 -15.42 -51.63 15.16
N GLY F 82 -15.14 -52.77 15.81
CA GLY F 82 -15.31 -54.11 15.21
C GLY F 82 -14.29 -54.35 14.11
N GLU F 83 -14.53 -55.35 13.25
CA GLU F 83 -13.52 -55.89 12.32
C GLU F 83 -13.55 -55.18 10.97
N ASP F 84 -14.59 -54.37 10.68
CA ASP F 84 -14.85 -53.79 9.33
C ASP F 84 -14.83 -52.25 9.35
N ALA F 85 -14.69 -51.63 10.53
CA ALA F 85 -14.88 -50.17 10.73
C ALA F 85 -13.75 -49.60 11.58
N ALA F 86 -13.18 -48.47 11.14
CA ALA F 86 -12.11 -47.72 11.85
C ALA F 86 -12.25 -46.23 11.55
N CYS F 87 -11.84 -45.42 12.52
CA CYS F 87 -11.75 -43.96 12.46
C CYS F 87 -10.30 -43.56 12.77
N ILE F 88 -9.69 -42.70 11.97
CA ILE F 88 -8.38 -42.07 12.29
C ILE F 88 -8.55 -40.54 12.37
N ALA F 89 -7.91 -39.93 13.36
CA ALA F 89 -7.76 -38.47 13.54
C ALA F 89 -6.27 -38.16 13.65
N TYR F 90 -5.79 -37.20 12.89
CA TYR F 90 -4.35 -36.84 12.84
C TYR F 90 -4.22 -35.37 12.48
N ILE F 91 -3.05 -34.81 12.76
CA ILE F 91 -2.61 -33.47 12.27
C ILE F 91 -1.76 -33.70 11.03
N ARG F 92 -2.08 -33.02 9.93
CA ARG F 92 -1.28 -33.05 8.68
C ARG F 92 -0.47 -31.75 8.64
N LEU F 93 0.86 -31.85 8.83
CA LEU F 93 1.83 -30.76 8.57
C LEU F 93 2.30 -30.90 7.13
N THR F 94 2.19 -29.82 6.35
CA THR F 94 2.61 -29.78 4.94
C THR F 94 3.71 -28.72 4.83
N GLN F 95 4.93 -29.17 4.50
CA GLN F 95 6.06 -28.30 4.09
C GLN F 95 6.05 -28.22 2.56
N TYR F 96 6.09 -27.02 2.01
CA TYR F 96 6.20 -26.80 0.54
C TYR F 96 7.01 -25.53 0.27
N ILE F 97 7.46 -25.36 -0.96
CA ILE F 97 8.09 -24.11 -1.48
C ILE F 97 7.04 -23.38 -2.32
N ASP F 98 6.76 -22.12 -2.00
CA ASP F 98 5.76 -21.28 -2.71
C ASP F 98 6.36 -20.79 -4.04
N GLY F 99 5.59 -20.02 -4.82
CA GLY F 99 5.99 -19.48 -6.13
C GLY F 99 7.28 -18.68 -6.05
N GLN F 100 7.39 -17.80 -5.03
CA GLN F 100 8.55 -16.89 -4.83
C GLN F 100 9.78 -17.66 -4.29
N GLY F 101 9.71 -19.00 -4.18
CA GLY F 101 10.84 -19.86 -3.78
C GLY F 101 11.03 -19.95 -2.28
N ARG F 102 10.13 -19.36 -1.47
CA ARG F 102 10.18 -19.36 0.01
C ARG F 102 9.62 -20.66 0.55
N PRO F 103 10.18 -21.22 1.67
CA PRO F 103 9.59 -22.38 2.34
C PRO F 103 8.43 -21.96 3.24
N ARG F 104 7.35 -22.74 3.23
CA ARG F 104 6.11 -22.45 4.01
C ARG F 104 5.64 -23.75 4.69
N THR F 105 5.02 -23.64 5.86
CA THR F 105 4.35 -24.76 6.56
C THR F 105 2.87 -24.41 6.75
N SER F 106 1.97 -25.32 6.41
CA SER F 106 0.52 -25.21 6.73
C SER F 106 0.12 -26.42 7.57
N GLN F 107 -0.93 -26.27 8.38
CA GLN F 107 -1.49 -27.33 9.25
C GLN F 107 -2.95 -27.54 8.90
N SER F 108 -3.40 -28.80 8.89
CA SER F 108 -4.84 -29.16 8.85
C SER F 108 -5.08 -30.32 9.82
N GLU F 109 -6.25 -30.34 10.44
CA GLU F 109 -6.74 -31.44 11.30
C GLU F 109 -7.67 -32.27 10.43
N GLU F 110 -7.45 -33.59 10.36
CA GLU F 110 -8.21 -34.49 9.47
C GLU F 110 -8.79 -35.67 10.27
N THR F 111 -10.07 -35.94 10.06
CA THR F 111 -10.78 -37.17 10.45
C THR F 111 -11.07 -37.96 9.17
N ARG F 112 -10.70 -39.24 9.14
CA ARG F 112 -11.06 -40.18 8.05
C ARG F 112 -11.75 -41.41 8.64
N VAL F 113 -12.95 -41.71 8.17
CA VAL F 113 -13.73 -42.92 8.56
C VAL F 113 -13.53 -43.98 7.47
N TRP F 114 -13.17 -45.20 7.89
CA TRP F 114 -12.79 -46.32 7.01
C TRP F 114 -13.78 -47.48 7.17
N HIS F 115 -14.10 -48.14 6.06
CA HIS F 115 -14.92 -49.37 5.97
C HIS F 115 -14.15 -50.40 5.13
N ARG F 116 -13.96 -51.60 5.66
CA ARG F 116 -13.31 -52.74 4.94
C ARG F 116 -14.39 -53.42 4.10
N ARG F 117 -14.16 -53.49 2.78
CA ARG F 117 -14.98 -54.34 1.85
C ARG F 117 -14.05 -55.29 1.08
N ASP F 118 -14.28 -56.60 1.24
CA ASP F 118 -13.47 -57.70 0.65
C ASP F 118 -11.97 -57.41 0.85
N GLY F 119 -11.57 -57.20 2.11
CA GLY F 119 -10.15 -57.18 2.53
C GLY F 119 -9.49 -55.83 2.39
N LYS F 120 -9.95 -54.96 1.47
CA LYS F 120 -9.37 -53.62 1.24
C LYS F 120 -10.15 -52.56 2.07
N TRP F 121 -9.41 -51.60 2.61
CA TRP F 121 -9.92 -50.49 3.44
C TRP F 121 -10.39 -49.37 2.50
N GLN F 122 -11.59 -48.82 2.73
CA GLN F 122 -12.24 -47.77 1.90
C GLN F 122 -12.57 -46.55 2.77
N ASN F 123 -12.22 -45.35 2.30
CA ASN F 123 -12.53 -44.04 2.95
C ASN F 123 -13.95 -43.62 2.56
N VAL F 124 -14.88 -43.60 3.52
CA VAL F 124 -16.33 -43.29 3.29
C VAL F 124 -16.64 -41.85 3.68
N HIS F 125 -15.91 -41.28 4.64
CA HIS F 125 -16.11 -39.88 5.11
C HIS F 125 -14.77 -39.24 5.46
N PHE F 126 -14.66 -37.94 5.17
CA PHE F 126 -13.45 -37.12 5.36
C PHE F 126 -13.89 -35.75 5.91
N HIS F 127 -13.35 -35.35 7.06
CA HIS F 127 -13.49 -33.98 7.65
C HIS F 127 -12.10 -33.34 7.73
N CYS F 128 -11.90 -32.22 7.04
CA CYS F 128 -10.67 -31.39 7.07
C CYS F 128 -11.01 -30.00 7.61
N SER F 129 -10.29 -29.54 8.64
CA SER F 129 -10.29 -28.13 9.10
C SER F 129 -8.86 -27.57 9.04
N GLY F 130 -8.73 -26.25 8.86
CA GLY F 130 -7.44 -25.55 8.73
C GLY F 130 -7.11 -25.28 7.27
N ALA F 131 -5.86 -25.50 6.87
CA ALA F 131 -5.31 -25.15 5.55
C ALA F 131 -5.80 -26.15 4.50
N PRO F 132 -6.23 -25.67 3.30
CA PRO F 132 -6.43 -26.55 2.15
C PRO F 132 -5.06 -26.89 1.53
N VAL F 133 -4.72 -28.19 1.46
CA VAL F 133 -3.31 -28.67 1.37
C VAL F 133 -3.11 -29.54 0.11
N ALA F 134 -4.06 -29.56 -0.81
CA ALA F 134 -3.91 -30.20 -2.15
C ALA F 134 -2.88 -29.40 -2.95
N PRO F 135 -2.02 -30.07 -3.77
CA PRO F 135 -0.93 -29.38 -4.48
C PRO F 135 -1.33 -28.14 -5.28
N LEU F 136 -2.54 -28.11 -5.86
CA LEU F 136 -3.03 -26.97 -6.67
C LEU F 136 -3.40 -25.81 -5.75
N GLN F 137 -3.66 -26.09 -4.45
CA GLN F 137 -3.89 -25.05 -3.40
C GLN F 137 -2.56 -24.55 -2.82
N MET G 4 18.39 53.06 8.31
CA MET G 4 19.33 52.67 7.21
C MET G 4 20.11 51.41 7.62
N ARG G 5 20.32 51.21 8.93
CA ARG G 5 20.99 50.01 9.49
C ARG G 5 20.08 48.79 9.29
N LYS G 6 18.76 48.95 9.43
CA LYS G 6 17.74 47.89 9.19
C LYS G 6 17.85 47.36 7.76
N GLN G 7 18.00 48.25 6.78
CA GLN G 7 18.03 47.91 5.33
C GLN G 7 19.31 47.12 5.01
N GLU G 8 20.42 47.44 5.69
CA GLU G 8 21.70 46.69 5.55
C GLU G 8 21.47 45.21 5.91
N ILE G 9 20.81 44.96 7.04
CA ILE G 9 20.57 43.60 7.62
C ILE G 9 19.70 42.79 6.66
N ILE G 10 18.59 43.39 6.19
CA ILE G 10 17.65 42.74 5.21
C ILE G 10 18.46 42.37 3.96
N LYS G 11 19.24 43.30 3.42
CA LYS G 11 20.01 43.10 2.16
C LYS G 11 21.00 41.96 2.34
N THR G 12 21.75 41.95 3.45
CA THR G 12 22.79 40.92 3.74
C THR G 12 22.12 39.55 3.92
N THR G 13 20.96 39.50 4.60
CA THR G 13 20.14 38.28 4.76
C THR G 13 19.72 37.75 3.38
N GLU G 14 19.23 38.63 2.50
CA GLU G 14 18.83 38.28 1.11
C GLU G 14 20.04 37.70 0.35
N GLN G 15 21.22 38.27 0.53
CA GLN G 15 22.48 37.79 -0.12
C GLN G 15 22.81 36.38 0.37
N LEU G 16 22.76 36.18 1.69
CA LEU G 16 23.01 34.86 2.35
C LEU G 16 22.10 33.79 1.73
N ILE G 17 20.81 34.10 1.59
CA ILE G 17 19.79 33.16 1.05
C ILE G 17 20.06 32.90 -0.44
N GLU G 18 20.45 33.93 -1.19
CA GLU G 18 20.81 33.76 -2.64
C GLU G 18 21.98 32.77 -2.74
N ALA G 19 22.98 32.89 -1.85
CA ALA G 19 24.18 32.02 -1.83
C ALA G 19 23.76 30.57 -1.61
N VAL G 20 22.87 30.34 -0.65
CA VAL G 20 22.35 28.97 -0.30
C VAL G 20 21.66 28.40 -1.56
N ASN G 21 20.76 29.17 -2.17
CA ASN G 21 19.92 28.73 -3.31
C ASN G 21 20.79 28.44 -4.54
N ASN G 22 21.92 29.14 -4.70
CA ASN G 22 22.85 28.99 -5.85
C ASN G 22 23.88 27.89 -5.58
N GLY G 23 23.94 27.36 -4.35
CA GLY G 23 24.93 26.34 -3.95
C GLY G 23 26.34 26.91 -3.90
N ASP G 24 26.46 28.20 -3.59
CA ASP G 24 27.72 28.96 -3.61
C ASP G 24 28.26 29.04 -2.18
N PHE G 25 29.01 28.02 -1.76
CA PHE G 25 29.58 27.90 -0.39
C PHE G 25 30.60 29.04 -0.16
N GLU G 26 31.30 29.45 -1.22
CA GLU G 26 32.31 30.54 -1.18
C GLU G 26 31.64 31.82 -0.64
N ALA G 27 30.51 32.21 -1.24
CA ALA G 27 29.73 33.43 -0.88
C ALA G 27 29.16 33.29 0.53
N TYR G 28 28.65 32.09 0.86
CA TYR G 28 28.02 31.76 2.16
C TYR G 28 29.05 31.95 3.30
N ALA G 29 30.26 31.43 3.12
CA ALA G 29 31.37 31.46 4.11
C ALA G 29 31.79 32.90 4.40
N LYS G 30 31.75 33.80 3.41
CA LYS G 30 32.15 35.23 3.54
C LYS G 30 31.18 35.93 4.51
N ILE G 31 29.90 35.55 4.48
CA ILE G 31 28.80 36.25 5.24
C ILE G 31 28.66 35.63 6.65
N CYS G 32 29.04 34.36 6.84
CA CYS G 32 28.92 33.63 8.12
C CYS G 32 30.24 33.74 8.91
N ASP G 33 30.14 34.05 10.20
CA ASP G 33 31.28 33.93 11.17
C ASP G 33 31.69 32.46 11.22
N PRO G 34 33.01 32.14 11.33
CA PRO G 34 33.45 30.74 11.38
C PRO G 34 32.93 29.98 12.61
N GLY G 35 32.58 30.69 13.68
CA GLY G 35 32.02 30.11 14.92
C GLY G 35 30.50 30.13 14.94
N LEU G 36 29.87 30.16 13.76
CA LEU G 36 28.40 30.16 13.56
C LEU G 36 27.78 29.00 14.33
N THR G 37 26.87 29.29 15.24
CA THR G 37 26.02 28.27 15.92
C THR G 37 24.67 28.23 15.21
N SER G 38 23.99 27.09 15.28
CA SER G 38 22.80 26.81 14.44
C SER G 38 21.85 25.82 15.15
N PHE G 39 20.57 26.19 15.24
CA PHE G 39 19.43 25.28 15.49
C PHE G 39 18.62 25.17 14.19
N GLU G 40 18.43 23.96 13.67
CA GLU G 40 17.70 23.70 12.41
C GLU G 40 17.17 22.27 12.39
N PRO G 41 16.08 21.98 11.65
CA PRO G 41 15.45 20.66 11.67
C PRO G 41 16.39 19.48 11.43
N GLU G 42 17.36 19.63 10.52
CA GLU G 42 18.23 18.51 10.08
C GLU G 42 19.33 18.22 11.12
N ALA G 43 19.42 19.01 12.19
CA ALA G 43 20.36 18.79 13.32
C ALA G 43 19.65 18.11 14.51
N LEU G 44 18.37 17.74 14.36
CA LEU G 44 17.61 16.86 15.28
C LEU G 44 17.64 17.41 16.71
N GLY G 45 17.48 18.72 16.88
CA GLY G 45 17.34 19.37 18.19
C GLY G 45 18.67 19.67 18.87
N ASN G 46 19.80 19.42 18.20
CA ASN G 46 21.15 19.73 18.72
C ASN G 46 21.61 21.09 18.20
N LEU G 47 22.42 21.80 18.99
CA LEU G 47 23.18 23.00 18.56
C LEU G 47 24.45 22.53 17.84
N VAL G 48 24.62 22.92 16.58
CA VAL G 48 25.83 22.56 15.77
C VAL G 48 26.70 23.81 15.64
N GLU G 49 28.02 23.63 15.70
CA GLU G 49 29.04 24.70 15.59
C GLU G 49 29.68 24.62 14.22
N GLY G 50 30.20 25.74 13.72
CA GLY G 50 31.03 25.74 12.50
C GLY G 50 30.25 25.50 11.21
N MET G 51 31.02 25.46 10.13
CA MET G 51 30.57 25.50 8.72
C MET G 51 30.48 24.07 8.19
N ASP G 52 31.11 23.11 8.89
CA ASP G 52 31.27 21.71 8.42
C ASP G 52 29.89 21.08 8.18
N PHE G 53 28.93 21.34 9.07
CA PHE G 53 27.57 20.73 9.01
C PHE G 53 26.84 21.22 7.75
N HIS G 54 27.00 22.51 7.43
CA HIS G 54 26.37 23.17 6.25
C HIS G 54 27.10 22.79 4.97
N ARG G 55 28.43 22.68 5.00
CA ARG G 55 29.29 22.31 3.84
C ARG G 55 28.68 21.10 3.13
N PHE G 56 28.24 20.10 3.90
CA PHE G 56 27.70 18.81 3.42
C PHE G 56 26.59 19.05 2.39
N TYR G 57 25.70 20.02 2.63
CA TYR G 57 24.50 20.28 1.78
C TYR G 57 24.90 21.01 0.50
N PHE G 58 26.05 21.71 0.51
CA PHE G 58 26.64 22.42 -0.67
C PHE G 58 27.41 21.41 -1.53
N GLU G 59 28.30 20.62 -0.92
CA GLU G 59 29.24 19.69 -1.61
C GLU G 59 28.48 18.56 -2.32
N ASN G 60 27.25 18.24 -1.90
CA ASN G 60 26.45 17.12 -2.48
C ASN G 60 25.23 17.67 -3.22
N LEU G 61 25.31 18.92 -3.71
CA LEU G 61 24.23 19.57 -4.52
C LEU G 61 24.55 19.45 -6.01
N LYS G 67 17.11 22.85 -10.11
CA LYS G 67 15.63 22.96 -10.05
C LYS G 67 15.23 24.40 -9.73
N PRO G 68 14.11 24.92 -10.27
CA PRO G 68 13.68 26.29 -10.01
C PRO G 68 13.22 26.48 -8.56
N ILE G 69 13.69 27.54 -7.91
CA ILE G 69 13.34 27.88 -6.49
C ILE G 69 13.17 29.40 -6.39
N HIS G 70 12.03 29.87 -5.88
CA HIS G 70 11.80 31.30 -5.51
C HIS G 70 11.65 31.40 -4.00
N THR G 71 12.40 32.29 -3.36
CA THR G 71 12.34 32.58 -1.91
C THR G 71 11.65 33.93 -1.70
N THR G 72 10.74 34.00 -0.72
CA THR G 72 10.09 35.25 -0.28
C THR G 72 10.37 35.43 1.21
N ILE G 73 10.88 36.60 1.59
CA ILE G 73 11.06 37.02 3.01
C ILE G 73 9.84 37.87 3.39
N LEU G 74 9.03 37.40 4.35
CA LEU G 74 7.79 38.07 4.81
C LEU G 74 8.00 38.67 6.19
N ASN G 75 7.47 39.88 6.42
CA ASN G 75 7.40 40.57 7.73
C ASN G 75 8.75 40.52 8.43
N PRO G 76 9.86 40.94 7.78
CA PRO G 76 11.15 40.99 8.44
C PRO G 76 11.10 42.04 9.56
N HIS G 77 11.39 41.63 10.79
CA HIS G 77 11.54 42.51 11.98
C HIS G 77 13.03 42.54 12.32
N VAL G 78 13.65 43.73 12.31
CA VAL G 78 15.08 43.95 12.67
C VAL G 78 15.14 44.66 14.03
N HIS G 79 15.82 44.07 15.00
CA HIS G 79 16.26 44.73 16.26
C HIS G 79 17.70 45.19 16.08
N VAL G 80 17.96 46.50 16.13
CA VAL G 80 19.32 47.07 16.14
C VAL G 80 19.73 47.24 17.61
N ILE G 81 20.92 46.75 17.97
CA ILE G 81 21.46 46.76 19.36
C ILE G 81 22.83 47.42 19.35
N GLY G 82 22.87 48.75 19.37
CA GLY G 82 24.11 49.54 19.19
C GLY G 82 24.60 49.43 17.75
N GLU G 83 25.86 49.78 17.51
CA GLU G 83 26.41 50.03 16.14
C GLU G 83 26.97 48.74 15.52
N ASP G 84 27.17 47.68 16.29
CA ASP G 84 27.91 46.46 15.86
C ASP G 84 27.02 45.21 15.92
N ALA G 85 25.78 45.30 16.41
CA ALA G 85 24.92 44.14 16.71
C ALA G 85 23.50 44.38 16.19
N ALA G 86 22.94 43.37 15.51
CA ALA G 86 21.55 43.36 15.00
C ALA G 86 20.99 41.93 15.02
N CYS G 87 19.68 41.82 15.19
CA CYS G 87 18.89 40.57 15.14
C CYS G 87 17.77 40.76 14.11
N ILE G 88 17.60 39.80 13.19
CA ILE G 88 16.45 39.79 12.23
C ILE G 88 15.65 38.51 12.44
N ALA G 89 14.32 38.62 12.43
CA ALA G 89 13.34 37.53 12.47
C ALA G 89 12.40 37.70 11.27
N TYR G 90 12.19 36.65 10.49
CA TYR G 90 11.37 36.69 9.26
C TYR G 90 10.77 35.31 9.00
N ILE G 91 9.73 35.27 8.17
CA ILE G 91 9.16 34.03 7.60
C ILE G 91 9.78 33.84 6.22
N ARG G 92 10.32 32.66 5.94
CA ARG G 92 10.88 32.30 4.61
C ARG G 92 9.86 31.38 3.94
N LEU G 93 9.18 31.88 2.90
CA LEU G 93 8.34 31.10 1.96
C LEU G 93 9.22 30.65 0.80
N THR G 94 9.28 29.35 0.53
CA THR G 94 10.08 28.76 -0.55
C THR G 94 9.12 28.06 -1.51
N GLN G 95 9.04 28.57 -2.75
CA GLN G 95 8.40 27.90 -3.91
C GLN G 95 9.48 27.09 -4.64
N TYR G 96 9.21 25.81 -4.90
CA TYR G 96 10.10 24.92 -5.69
C TYR G 96 9.25 23.91 -6.46
N ILE G 97 9.87 23.24 -7.43
CA ILE G 97 9.28 22.07 -8.15
C ILE G 97 9.93 20.80 -7.61
N ASP G 98 9.13 19.85 -7.12
CA ASP G 98 9.61 18.58 -6.52
C ASP G 98 10.04 17.63 -7.64
N GLY G 99 10.52 16.43 -7.28
CA GLY G 99 10.99 15.39 -8.22
C GLY G 99 9.93 15.02 -9.24
N GLN G 100 8.69 14.84 -8.80
CA GLN G 100 7.52 14.43 -9.65
C GLN G 100 7.04 15.59 -10.53
N GLY G 101 7.71 16.74 -10.51
CA GLY G 101 7.42 17.91 -11.37
C GLY G 101 6.31 18.80 -10.84
N ARG G 102 5.80 18.53 -9.63
CA ARG G 102 4.70 19.28 -8.97
C ARG G 102 5.27 20.54 -8.31
N PRO G 103 4.52 21.67 -8.31
CA PRO G 103 4.93 22.86 -7.55
C PRO G 103 4.55 22.73 -6.08
N ARG G 104 5.45 23.12 -5.17
CA ARG G 104 5.27 22.99 -3.72
C ARG G 104 5.72 24.28 -3.03
N THR G 105 5.09 24.61 -1.89
CA THR G 105 5.50 25.72 -1.01
C THR G 105 5.83 25.14 0.37
N SER G 106 6.97 25.51 0.93
CA SER G 106 7.33 25.22 2.33
C SER G 106 7.53 26.54 3.07
N GLN G 107 7.31 26.53 4.38
CA GLN G 107 7.50 27.70 5.28
C GLN G 107 8.53 27.33 6.36
N SER G 108 9.41 28.27 6.68
CA SER G 108 10.26 28.21 7.89
C SER G 108 10.30 29.58 8.54
N GLU G 109 10.38 29.59 9.87
CA GLU G 109 10.59 30.80 10.69
C GLU G 109 12.09 30.85 11.01
N GLU G 110 12.74 31.97 10.75
CA GLU G 110 14.21 32.11 10.89
C GLU G 110 14.55 33.33 11.73
N THR G 111 15.45 33.13 12.70
CA THR G 111 16.15 34.17 13.49
C THR G 111 17.62 34.16 13.07
N ARG G 112 18.18 35.30 12.70
CA ARG G 112 19.63 35.47 12.40
C ARG G 112 20.18 36.61 13.25
N VAL G 113 21.23 36.32 14.03
CA VAL G 113 21.95 37.33 14.85
C VAL G 113 23.21 37.74 14.09
N TRP G 114 23.42 39.06 13.95
CA TRP G 114 24.49 39.67 13.12
C TRP G 114 25.46 40.45 14.03
N HIS G 115 26.75 40.36 13.72
CA HIS G 115 27.84 41.11 14.37
C HIS G 115 28.69 41.75 13.26
N ARG G 116 28.90 43.06 13.32
CA ARG G 116 29.80 43.79 12.38
C ARG G 116 31.24 43.65 12.88
N ARG G 117 32.11 43.07 12.04
CA ARG G 117 33.55 42.89 12.32
C ARG G 117 34.34 43.36 11.10
N ASP G 118 35.24 44.33 11.29
CA ASP G 118 36.06 44.98 10.22
C ASP G 118 35.14 45.38 9.05
N GLY G 119 34.07 46.11 9.33
CA GLY G 119 33.23 46.79 8.32
C GLY G 119 32.14 45.93 7.73
N LYS G 120 32.31 44.59 7.71
CA LYS G 120 31.33 43.63 7.11
C LYS G 120 30.41 43.09 8.22
N TRP G 121 29.14 42.83 7.87
CA TRP G 121 28.14 42.15 8.74
C TRP G 121 28.35 40.64 8.68
N GLN G 122 28.39 39.97 9.84
CA GLN G 122 28.67 38.51 9.97
C GLN G 122 27.51 37.84 10.73
N ASN G 123 27.02 36.72 10.21
CA ASN G 123 25.97 35.88 10.87
C ASN G 123 26.67 34.95 11.89
N VAL G 124 26.40 35.15 13.19
CA VAL G 124 27.06 34.40 14.29
C VAL G 124 26.13 33.30 14.82
N HIS G 125 24.81 33.49 14.73
CA HIS G 125 23.81 32.50 15.20
C HIS G 125 22.61 32.48 14.25
N PHE G 126 22.06 31.28 14.03
CA PHE G 126 20.92 30.99 13.13
C PHE G 126 19.99 30.00 13.84
N HIS G 127 18.72 30.36 13.99
CA HIS G 127 17.64 29.45 14.46
C HIS G 127 16.60 29.31 13.35
N CYS G 128 16.37 28.08 12.87
CA CYS G 128 15.35 27.73 11.84
C CYS G 128 14.37 26.72 12.47
N SER G 129 13.07 27.02 12.40
CA SER G 129 11.97 26.06 12.70
C SER G 129 11.07 25.92 11.47
N GLY G 130 10.42 24.77 11.33
CA GLY G 130 9.55 24.42 10.18
C GLY G 130 10.28 23.57 9.17
N ALA G 131 10.13 23.89 7.89
CA ALA G 131 10.65 23.11 6.74
C ALA G 131 12.15 23.33 6.60
N PRO G 132 12.94 22.26 6.34
CA PRO G 132 14.31 22.41 5.85
C PRO G 132 14.29 22.80 4.36
N VAL G 133 14.89 23.92 4.02
CA VAL G 133 14.59 24.73 2.79
C VAL G 133 15.83 24.84 1.88
N ALA G 134 16.97 24.24 2.26
CA ALA G 134 18.18 24.20 1.42
C ALA G 134 17.89 23.29 0.22
N PRO G 135 18.44 23.58 -0.98
CA PRO G 135 18.33 22.63 -2.11
C PRO G 135 18.96 21.27 -1.73
N LEU G 136 18.66 20.18 -2.44
CA LEU G 136 18.96 18.80 -1.95
C LEU G 136 17.99 18.46 -0.80
N GLN G 137 16.86 19.15 -0.71
CA GLN G 137 15.91 19.12 0.45
C GLN G 137 14.58 19.77 0.05
C1 MLT H . -4.89 34.40 -9.62
O1 MLT H . -4.48 35.57 -9.62
O2 MLT H . -6.04 34.04 -9.31
C2 MLT H . -3.92 33.29 -10.04
O3 MLT H . -4.57 32.02 -10.04
C3 MLT H . -2.65 33.24 -9.16
C4 MLT H . -2.30 31.84 -8.72
O4 MLT H . -1.43 31.22 -9.36
O5 MLT H . -2.89 31.37 -7.72
C1 MLT I . 31.71 1.13 16.71
O1 MLT I . 31.17 2.25 16.82
O2 MLT I . 32.58 0.67 17.50
C2 MLT I . 31.27 0.28 15.51
O3 MLT I . 30.63 1.09 14.54
C3 MLT I . 30.32 -0.85 15.93
C4 MLT I . 30.00 -1.80 14.78
O4 MLT I . 30.93 -2.18 14.05
O5 MLT I . 28.81 -2.18 14.64
C1 MLT J . -8.24 -35.45 0.11
O1 MLT J . -9.43 -35.79 -0.13
O2 MLT J . -7.54 -35.91 1.03
C2 MLT J . -7.56 -34.41 -0.80
O3 MLT J . -7.13 -33.31 -0.03
C3 MLT J . -8.43 -33.95 -2.00
C4 MLT J . -8.84 -32.48 -2.07
O4 MLT J . -9.77 -32.17 -2.84
O5 MLT J . -8.22 -31.65 -1.37
C1 MLT K . 20.90 28.62 5.90
O1 MLT K . 19.95 29.29 5.47
O2 MLT K . 21.70 28.97 6.81
C2 MLT K . 21.10 27.24 5.24
O3 MLT K . 19.83 26.72 4.85
C3 MLT K . 21.81 26.26 6.18
C4 MLT K . 21.73 24.83 5.69
O4 MLT K . 22.10 24.59 4.52
O5 MLT K . 21.27 23.97 6.47
#